data_8QJE
#
_entry.id   8QJE
#
_cell.length_a   1.00
_cell.length_b   1.00
_cell.length_c   1.00
_cell.angle_alpha   90.00
_cell.angle_beta   90.00
_cell.angle_gamma   90.00
#
_symmetry.space_group_name_H-M   'P 1'
#
loop_
_entity.id
_entity.type
_entity.pdbx_description
1 polymer 'Portal protein'
2 polymer 'Putative neck protein'
3 non-polymer 'ZINC ION'
#
loop_
_entity_poly.entity_id
_entity_poly.type
_entity_poly.pdbx_seq_one_letter_code
_entity_poly.pdbx_strand_id
1 'polypeptide(L)'
;MADLFKQFRLGKDYGNNSTIAQVPIDEGLQANIKKIEQDNKEYQDLTKSLYGQQQAYAEPFIEMMDTNPEFRDKRSYMKN
EHNLHDVLKKFGNNPILNAIILTRSNQVAMYCQPARYSEKGLGFEVRLRDLDAEPGRKEKEEMKRIEDFIVNTGKDKDVD
RDSFQTFCKKIVRDTYIYDQVNFEKVFNKNNKTKLEKFIAVDPSTIFYATDKKGKIIKGGKRFVQVVDKRVVASFTSREL
AMGIRNPRTELSSSGYGLSEVEIAMKEFIAYNNTESFNDRFFSHGGTTRGILQIRSDQQQSQHALENFKREWKSSLSGIN
GSWQIPVVMADDIKFVNMTPTANDMQFEKWLNYLINIISALYGIDPAEIGFPNRGGATGSKGGSTLNEADPGKKQQQSQN
KGLQPLLRFIEDLVNRHIISEYGDKYTFQFVGGDTKSATDKLNILKLETQIFKTVNEAREEQGKKPIEGGDIILDASFLQ
GTAQLQQDKQYNDGKQKERLQMMMSLLEGDNDDSEEGQSTDSSNDDKEIGTDAQIKGDDNVYRTQTSNKGQGRKGEKSSD
FKH
;
A
2 'polypeptide(L)'
;MVNSMFGGDLDPYEKSLNYEYPYHPSGNPKHIDVSEIDNLTLADYGWSPDAVKAYMFGIVVQNPDTGQPMGDEFYNHILE
RAVGKAERALDISILPDTQHEMRDYHETEFNSYMFVHAYRKPILQVENLQLQFNGRPIYKYPANWWKVEHLAGHVQLFPT
ALMQTGQSMSYDAVFNGYPQLAGVYPPSGATFAPQMIRLEYVSGMLPRKKAGRNKPWEMPPELEQLVIKYALKEIYQVWG
NLIIGAGIANKTLEVDGITETIGTTQSAMYGGASAQILQINEDIKELLDGLRAYFGYNMIGL
;
W
#
# COMPACT_ATOMS: atom_id res chain seq x y z
N SER A 49 -22.93 -40.30 14.68
CA SER A 49 -22.82 -40.33 13.23
C SER A 49 -21.51 -39.73 12.77
N LEU A 50 -21.08 -38.66 13.45
CA LEU A 50 -19.89 -37.92 13.03
C LEU A 50 -18.67 -38.83 13.00
N TYR A 51 -18.46 -39.57 14.08
CA TYR A 51 -17.39 -40.56 14.18
C TYR A 51 -17.90 -41.99 14.13
N GLY A 52 -19.09 -42.23 14.69
CA GLY A 52 -19.68 -43.56 14.72
C GLY A 52 -20.80 -43.59 15.74
N GLN A 53 -21.22 -44.80 16.10
CA GLN A 53 -22.19 -44.96 17.15
C GLN A 53 -21.53 -44.75 18.50
N GLN A 54 -22.06 -43.83 19.29
CA GLN A 54 -21.48 -43.51 20.59
C GLN A 54 -22.59 -43.01 21.51
N GLN A 55 -22.27 -42.98 22.81
CA GLN A 55 -23.23 -42.56 23.81
C GLN A 55 -23.24 -41.04 23.99
N ALA A 56 -22.11 -40.39 23.81
CA ALA A 56 -21.98 -38.96 24.05
C ALA A 56 -22.37 -38.17 22.80
N TYR A 57 -22.44 -36.85 22.96
CA TYR A 57 -22.66 -35.93 21.87
C TYR A 57 -21.35 -35.22 21.52
N ALA A 58 -20.97 -35.29 20.24
CA ALA A 58 -19.78 -34.61 19.75
C ALA A 58 -20.11 -33.71 18.56
N GLU A 59 -21.37 -33.28 18.45
CA GLU A 59 -21.84 -32.42 17.38
C GLU A 59 -22.88 -31.48 17.99
N PRO A 60 -23.06 -30.28 17.43
CA PRO A 60 -24.04 -29.36 18.01
C PRO A 60 -25.43 -29.97 18.08
N PHE A 61 -26.03 -29.90 19.28
CA PHE A 61 -27.37 -30.44 19.47
C PHE A 61 -28.39 -29.68 18.64
N ILE A 62 -28.27 -28.36 18.57
CA ILE A 62 -29.18 -27.50 17.82
C ILE A 62 -28.42 -26.96 16.61
N GLU A 63 -29.01 -27.11 15.44
CA GLU A 63 -28.35 -26.71 14.21
C GLU A 63 -28.33 -25.18 14.10
N MET A 64 -27.39 -24.67 13.31
CA MET A 64 -27.36 -23.26 12.97
C MET A 64 -28.48 -22.96 11.97
N MET A 65 -29.35 -22.02 12.33
CA MET A 65 -30.58 -21.82 11.56
C MET A 65 -30.29 -21.34 10.15
N ASP A 66 -29.35 -20.41 10.00
CA ASP A 66 -29.12 -19.79 8.69
C ASP A 66 -28.43 -20.72 7.70
N THR A 67 -27.89 -21.85 8.15
CA THR A 67 -27.20 -22.75 7.25
C THR A 67 -28.18 -23.56 6.42
N ASN A 68 -27.73 -23.97 5.24
CA ASN A 68 -28.58 -24.77 4.37
C ASN A 68 -28.76 -26.17 4.97
N PRO A 69 -29.94 -26.79 4.81
CA PRO A 69 -30.11 -28.14 5.39
C PRO A 69 -29.15 -29.18 4.82
N GLU A 70 -28.70 -29.02 3.58
CA GLU A 70 -27.98 -30.09 2.91
C GLU A 70 -26.59 -30.32 3.47
N PHE A 71 -26.00 -29.32 4.14
CA PHE A 71 -24.65 -29.45 4.66
C PHE A 71 -24.51 -28.56 5.89
N ARG A 72 -23.43 -28.80 6.64
CA ARG A 72 -23.06 -27.99 7.79
C ARG A 72 -21.96 -27.03 7.37
N ASP A 73 -22.17 -25.74 7.61
CA ASP A 73 -21.20 -24.73 7.24
C ASP A 73 -20.01 -24.75 8.18
N LYS A 74 -18.89 -24.24 7.69
CA LYS A 74 -17.69 -24.01 8.49
C LYS A 74 -17.63 -22.53 8.85
N ARG A 75 -17.39 -22.23 10.13
CA ARG A 75 -17.54 -20.88 10.66
C ARG A 75 -16.30 -20.51 11.46
N SER A 76 -16.21 -19.23 11.79
CA SER A 76 -15.09 -18.71 12.57
C SER A 76 -15.12 -19.30 13.98
N TYR A 77 -14.05 -19.03 14.72
CA TYR A 77 -13.94 -19.53 16.09
C TYR A 77 -15.05 -18.95 16.97
N MET A 78 -15.20 -17.62 16.93
CA MET A 78 -16.13 -16.92 17.81
C MET A 78 -17.54 -16.85 17.23
N LYS A 79 -17.79 -17.51 16.11
CA LYS A 79 -19.05 -17.40 15.37
C LYS A 79 -19.32 -15.98 14.88
N ASN A 80 -18.27 -15.17 14.77
CA ASN A 80 -18.42 -13.81 14.25
C ASN A 80 -18.90 -13.83 12.82
N GLU A 81 -18.36 -14.73 12.00
CA GLU A 81 -18.75 -14.87 10.60
C GLU A 81 -19.00 -16.34 10.31
N HIS A 82 -20.12 -16.62 9.63
CA HIS A 82 -20.46 -17.97 9.21
C HIS A 82 -19.77 -18.37 7.91
N ASN A 83 -18.99 -17.47 7.30
CA ASN A 83 -18.29 -17.75 6.06
C ASN A 83 -16.84 -17.32 6.25
N LEU A 84 -15.93 -18.29 6.26
CA LEU A 84 -14.55 -18.10 6.69
C LEU A 84 -13.56 -18.21 5.54
N HIS A 85 -13.66 -19.28 4.74
CA HIS A 85 -12.68 -19.49 3.68
C HIS A 85 -12.69 -18.36 2.66
N ASP A 86 -13.81 -17.65 2.53
CA ASP A 86 -13.85 -16.48 1.65
C ASP A 86 -12.86 -15.41 2.10
N VAL A 87 -12.82 -15.13 3.40
CA VAL A 87 -11.88 -14.11 3.88
C VAL A 87 -10.46 -14.67 3.95
N LEU A 88 -10.31 -15.98 4.20
CA LEU A 88 -8.97 -16.55 4.19
C LEU A 88 -8.36 -16.52 2.80
N LYS A 89 -9.21 -16.65 1.77
CA LYS A 89 -8.72 -16.55 0.40
C LYS A 89 -8.09 -15.18 0.13
N LYS A 90 -8.56 -14.14 0.82
CA LYS A 90 -7.96 -12.81 0.65
C LYS A 90 -6.53 -12.81 1.18
N PHE A 91 -6.31 -13.37 2.37
CA PHE A 91 -4.97 -13.45 2.93
C PHE A 91 -4.10 -14.47 2.23
N GLY A 92 -4.68 -15.34 1.41
CA GLY A 92 -3.90 -16.29 0.64
C GLY A 92 -2.82 -15.67 -0.23
N ASN A 93 -2.95 -14.38 -0.56
CA ASN A 93 -2.01 -13.70 -1.45
C ASN A 93 -0.90 -12.97 -0.70
N ASN A 94 -0.86 -13.05 0.62
CA ASN A 94 0.12 -12.27 1.37
C ASN A 94 1.54 -12.77 1.07
N PRO A 95 2.54 -11.87 0.97
CA PRO A 95 3.89 -12.34 0.64
C PRO A 95 4.54 -13.17 1.73
N ILE A 96 4.45 -12.72 2.98
CA ILE A 96 5.07 -13.46 4.08
C ILE A 96 4.51 -14.88 4.12
N LEU A 97 3.19 -14.99 4.11
CA LEU A 97 2.56 -16.31 4.09
C LEU A 97 2.99 -17.10 2.87
N ASN A 98 2.96 -16.47 1.69
CA ASN A 98 3.37 -17.16 0.48
C ASN A 98 4.84 -17.54 0.52
N ALA A 99 5.67 -16.72 1.17
CA ALA A 99 7.08 -17.08 1.32
C ALA A 99 7.22 -18.34 2.15
N ILE A 100 6.49 -18.43 3.27
CA ILE A 100 6.53 -19.62 4.10
C ILE A 100 6.05 -20.83 3.30
N ILE A 101 4.95 -20.67 2.57
CA ILE A 101 4.40 -21.77 1.78
C ILE A 101 5.44 -22.27 0.79
N LEU A 102 6.07 -21.34 0.07
CA LEU A 102 7.01 -21.73 -0.98
C LEU A 102 8.25 -22.39 -0.39
N THR A 103 8.76 -21.85 0.73
CA THR A 103 9.91 -22.47 1.37
C THR A 103 9.60 -23.90 1.81
N ARG A 104 8.44 -24.10 2.45
CA ARG A 104 8.08 -25.45 2.89
C ARG A 104 7.86 -26.37 1.71
N SER A 105 7.25 -25.85 0.63
CA SER A 105 7.03 -26.66 -0.56
C SER A 105 8.34 -27.09 -1.18
N ASN A 106 9.31 -26.18 -1.26
CA ASN A 106 10.62 -26.53 -1.80
C ASN A 106 11.30 -27.57 -0.91
N GLN A 107 11.16 -27.42 0.42
CA GLN A 107 11.73 -28.42 1.31
C GLN A 107 11.13 -29.80 1.06
N VAL A 108 9.80 -29.86 0.89
CA VAL A 108 9.13 -31.15 0.71
C VAL A 108 9.48 -31.75 -0.64
N ALA A 109 9.65 -30.92 -1.67
CA ALA A 109 9.81 -31.42 -3.03
C ALA A 109 11.02 -32.32 -3.17
N MET A 110 12.07 -32.09 -2.39
CA MET A 110 13.27 -32.92 -2.48
C MET A 110 12.95 -34.36 -2.11
N TYR A 111 12.17 -34.57 -1.05
CA TYR A 111 11.88 -35.91 -0.57
C TYR A 111 10.98 -36.70 -1.52
N CYS A 112 10.34 -36.04 -2.48
CA CYS A 112 9.26 -36.65 -3.26
C CYS A 112 9.78 -37.43 -4.46
N GLN A 113 10.66 -38.39 -4.19
CA GLN A 113 11.10 -39.33 -5.21
C GLN A 113 11.31 -40.69 -4.58
N PRO A 114 11.14 -41.77 -5.33
CA PRO A 114 11.30 -43.11 -4.74
C PRO A 114 12.75 -43.38 -4.39
N ALA A 115 12.94 -44.20 -3.35
CA ALA A 115 14.29 -44.45 -2.84
C ALA A 115 15.09 -45.32 -3.79
N ARG A 116 14.50 -46.43 -4.27
CA ARG A 116 15.27 -47.40 -5.03
C ARG A 116 15.71 -46.87 -6.39
N TYR A 117 15.07 -45.81 -6.89
CA TYR A 117 15.52 -45.15 -8.11
C TYR A 117 16.56 -44.06 -7.85
N SER A 118 16.83 -43.73 -6.58
CA SER A 118 17.74 -42.66 -6.22
C SER A 118 19.06 -43.28 -5.77
N GLU A 119 20.17 -42.72 -6.27
CA GLU A 119 21.48 -43.23 -5.87
C GLU A 119 21.72 -43.06 -4.39
N LYS A 120 21.22 -41.97 -3.81
CA LYS A 120 21.31 -41.72 -2.38
C LYS A 120 19.98 -42.03 -1.70
N GLY A 121 20.03 -42.17 -0.38
CA GLY A 121 18.90 -42.68 0.36
C GLY A 121 17.70 -41.74 0.43
N LEU A 122 17.88 -40.47 0.07
CA LEU A 122 16.78 -39.52 0.15
C LEU A 122 15.65 -39.93 -0.79
N GLY A 123 14.44 -39.93 -0.28
CA GLY A 123 13.27 -40.32 -1.04
C GLY A 123 12.24 -40.97 -0.15
N PHE A 124 11.30 -41.66 -0.77
CA PHE A 124 10.29 -42.43 -0.07
C PHE A 124 10.38 -43.89 -0.49
N GLU A 125 9.73 -44.75 0.29
CA GLU A 125 9.84 -46.19 0.12
C GLU A 125 8.58 -46.86 0.63
N VAL A 126 8.26 -48.01 0.03
CA VAL A 126 7.18 -48.88 0.49
C VAL A 126 7.82 -50.18 0.94
N ARG A 127 7.36 -50.70 2.08
CA ARG A 127 7.92 -51.90 2.67
C ARG A 127 6.82 -52.69 3.34
N LEU A 128 7.14 -53.93 3.71
CA LEU A 128 6.23 -54.74 4.51
C LEU A 128 6.04 -54.11 5.89
N ARG A 129 4.88 -54.38 6.49
CA ARG A 129 4.54 -53.74 7.76
C ARG A 129 5.53 -54.14 8.85
N ASP A 130 5.97 -55.39 8.85
CA ASP A 130 6.92 -55.88 9.83
C ASP A 130 8.33 -55.82 9.22
N LEU A 131 9.23 -55.10 9.89
CA LEU A 131 10.59 -54.99 9.38
C LEU A 131 11.35 -56.31 9.46
N ASP A 132 11.01 -57.15 10.44
CA ASP A 132 11.65 -58.45 10.58
C ASP A 132 11.14 -59.49 9.58
N ALA A 133 10.02 -59.22 8.92
CA ALA A 133 9.48 -60.17 7.95
C ALA A 133 10.33 -60.18 6.69
N GLU A 134 10.52 -61.37 6.12
CA GLU A 134 11.33 -61.49 4.92
C GLU A 134 10.58 -60.92 3.71
N PRO A 135 11.30 -60.45 2.69
CA PRO A 135 10.62 -60.08 1.43
C PRO A 135 10.43 -61.26 0.50
N GLY A 136 9.87 -61.01 -0.68
CA GLY A 136 9.68 -62.06 -1.67
C GLY A 136 9.60 -61.47 -3.05
N ARG A 137 9.82 -62.33 -4.05
CA ARG A 137 9.82 -61.86 -5.43
C ARG A 137 8.45 -61.34 -5.84
N LYS A 138 7.38 -62.01 -5.40
CA LYS A 138 6.04 -61.52 -5.69
C LYS A 138 5.77 -60.20 -4.97
N GLU A 139 6.05 -60.16 -3.66
CA GLU A 139 5.78 -58.97 -2.88
C GLU A 139 6.67 -57.81 -3.32
N LYS A 140 7.92 -58.09 -3.67
CA LYS A 140 8.80 -57.04 -4.16
C LYS A 140 8.24 -56.41 -5.44
N GLU A 141 7.77 -57.25 -6.36
CA GLU A 141 7.18 -56.73 -7.59
C GLU A 141 5.93 -55.91 -7.30
N GLU A 142 5.09 -56.39 -6.37
CA GLU A 142 3.88 -55.65 -6.03
C GLU A 142 4.22 -54.29 -5.43
N MET A 143 5.21 -54.24 -4.55
CA MET A 143 5.61 -52.98 -3.94
C MET A 143 6.20 -52.04 -4.98
N LYS A 144 6.99 -52.57 -5.91
CA LYS A 144 7.52 -51.74 -6.99
C LYS A 144 6.39 -51.15 -7.82
N ARG A 145 5.38 -51.98 -8.14
CA ARG A 145 4.23 -51.49 -8.91
C ARG A 145 3.50 -50.40 -8.14
N ILE A 146 3.32 -50.58 -6.84
CA ILE A 146 2.61 -49.58 -6.04
C ILE A 146 3.40 -48.28 -6.00
N GLU A 147 4.73 -48.38 -5.86
CA GLU A 147 5.56 -47.18 -5.85
C GLU A 147 5.46 -46.43 -7.17
N ASP A 148 5.51 -47.16 -8.29
CA ASP A 148 5.35 -46.52 -9.59
C ASP A 148 3.97 -45.90 -9.72
N PHE A 149 2.94 -46.57 -9.20
CA PHE A 149 1.59 -46.02 -9.23
C PHE A 149 1.51 -44.70 -8.48
N ILE A 150 2.14 -44.63 -7.30
CA ILE A 150 2.13 -43.39 -6.54
C ILE A 150 2.91 -42.31 -7.27
N VAL A 151 4.05 -42.69 -7.88
CA VAL A 151 4.86 -41.71 -8.60
C VAL A 151 4.06 -41.10 -9.75
N ASN A 152 3.36 -41.93 -10.51
CA ASN A 152 2.56 -41.47 -11.64
C ASN A 152 1.15 -41.05 -11.24
N THR A 153 0.77 -41.22 -9.97
CA THR A 153 -0.56 -40.89 -9.48
C THR A 153 -1.64 -41.54 -10.34
N GLY A 154 -1.43 -42.80 -10.68
CA GLY A 154 -2.44 -43.53 -11.43
C GLY A 154 -1.85 -44.82 -11.98
N LYS A 155 -2.75 -45.62 -12.55
CA LYS A 155 -2.35 -46.95 -13.04
C LYS A 155 -1.41 -46.85 -14.22
N ASP A 156 -1.57 -45.82 -15.07
CA ASP A 156 -0.77 -45.67 -16.27
C ASP A 156 -0.29 -44.23 -16.38
N LYS A 157 0.81 -44.04 -17.09
CA LYS A 157 1.39 -42.71 -17.26
C LYS A 157 0.42 -41.80 -18.01
N ASP A 158 0.39 -40.54 -17.62
CA ASP A 158 -0.43 -39.53 -18.29
C ASP A 158 0.20 -38.17 -18.06
N VAL A 159 0.65 -37.54 -19.15
CA VAL A 159 1.28 -36.22 -19.02
C VAL A 159 0.29 -35.19 -18.50
N ASP A 160 -1.00 -35.38 -18.78
CA ASP A 160 -2.01 -34.41 -18.38
C ASP A 160 -2.26 -34.40 -16.87
N ARG A 161 -1.72 -35.37 -16.13
CA ARG A 161 -2.03 -35.53 -14.71
C ARG A 161 -0.81 -35.19 -13.86
N ASP A 162 -1.10 -34.86 -12.60
CA ASP A 162 -0.06 -34.39 -11.69
C ASP A 162 0.91 -35.50 -11.33
N SER A 163 2.19 -35.17 -11.30
CA SER A 163 3.16 -35.99 -10.60
C SER A 163 3.01 -35.79 -9.10
N PHE A 164 3.52 -36.75 -8.33
CA PHE A 164 3.33 -36.70 -6.88
C PHE A 164 4.04 -35.48 -6.27
N GLN A 165 5.09 -34.98 -6.94
CA GLN A 165 5.75 -33.77 -6.47
C GLN A 165 4.78 -32.60 -6.45
N THR A 166 4.10 -32.36 -7.56
CA THR A 166 3.15 -31.26 -7.62
C THR A 166 1.97 -31.51 -6.69
N PHE A 167 1.59 -32.77 -6.50
CA PHE A 167 0.51 -33.09 -5.55
C PHE A 167 0.90 -32.67 -4.14
N CYS A 168 2.12 -33.00 -3.73
CA CYS A 168 2.58 -32.59 -2.40
C CYS A 168 2.68 -31.07 -2.30
N LYS A 169 3.13 -30.42 -3.38
CA LYS A 169 3.23 -28.96 -3.36
C LYS A 169 1.86 -28.32 -3.22
N LYS A 170 0.83 -28.91 -3.82
CA LYS A 170 -0.54 -28.45 -3.59
C LYS A 170 -0.97 -28.71 -2.16
N ILE A 171 -0.62 -29.90 -1.63
CA ILE A 171 -1.11 -30.31 -0.32
C ILE A 171 -0.56 -29.40 0.76
N VAL A 172 0.71 -29.02 0.65
CA VAL A 172 1.30 -28.16 1.68
C VAL A 172 0.60 -26.82 1.72
N ARG A 173 0.30 -26.25 0.54
CA ARG A 173 -0.42 -24.98 0.48
C ARG A 173 -1.80 -25.12 1.10
N ASP A 174 -2.53 -26.17 0.74
CA ASP A 174 -3.87 -26.36 1.29
C ASP A 174 -3.82 -26.63 2.79
N THR A 175 -2.72 -27.23 3.27
CA THR A 175 -2.60 -27.56 4.69
C THR A 175 -2.29 -26.32 5.51
N TYR A 176 -1.47 -25.42 4.98
CA TYR A 176 -1.03 -24.26 5.74
C TYR A 176 -1.93 -23.05 5.57
N ILE A 177 -2.72 -22.98 4.50
CA ILE A 177 -3.67 -21.87 4.35
C ILE A 177 -4.97 -22.22 5.03
N TYR A 178 -5.64 -23.29 4.57
CA TYR A 178 -6.97 -23.62 5.05
C TYR A 178 -6.98 -24.65 6.19
N ASP A 179 -5.87 -25.34 6.44
CA ASP A 179 -5.83 -26.42 7.43
C ASP A 179 -6.82 -27.53 7.07
N GLN A 180 -7.04 -27.72 5.77
CA GLN A 180 -7.96 -28.75 5.30
C GLN A 180 -7.48 -29.23 3.93
N VAL A 181 -7.39 -30.54 3.75
CA VAL A 181 -6.89 -31.14 2.52
C VAL A 181 -7.86 -32.21 2.07
N ASN A 182 -8.11 -32.28 0.77
CA ASN A 182 -9.01 -33.27 0.19
C ASN A 182 -8.49 -33.69 -1.17
N PHE A 183 -8.61 -34.98 -1.48
CA PHE A 183 -8.27 -35.50 -2.79
C PHE A 183 -9.27 -36.58 -3.17
N GLU A 184 -9.69 -36.57 -4.43
CA GLU A 184 -10.67 -37.51 -4.94
C GLU A 184 -9.99 -38.79 -5.42
N LYS A 185 -10.67 -39.91 -5.26
CA LYS A 185 -10.26 -41.19 -5.81
C LYS A 185 -11.15 -41.56 -6.98
N VAL A 186 -10.59 -42.30 -7.93
CA VAL A 186 -11.31 -42.78 -9.11
C VAL A 186 -11.18 -44.29 -9.13
N PHE A 187 -12.19 -44.98 -8.60
CA PHE A 187 -12.19 -46.44 -8.64
C PHE A 187 -12.52 -46.93 -10.05
N ASN A 188 -12.02 -48.13 -10.36
CA ASN A 188 -12.31 -48.73 -11.66
C ASN A 188 -13.81 -48.98 -11.78
N LYS A 189 -14.37 -48.58 -12.93
CA LYS A 189 -15.80 -48.79 -13.15
C LYS A 189 -16.12 -50.25 -13.39
N ASN A 190 -15.24 -50.97 -14.09
CA ASN A 190 -15.44 -52.40 -14.28
C ASN A 190 -15.38 -53.16 -12.97
N ASN A 191 -14.64 -52.63 -11.99
CA ASN A 191 -14.50 -53.28 -10.69
C ASN A 191 -14.42 -52.19 -9.63
N LYS A 192 -15.51 -51.98 -8.88
CA LYS A 192 -15.53 -50.98 -7.83
C LYS A 192 -14.50 -51.26 -6.76
N THR A 193 -14.07 -52.52 -6.59
CA THR A 193 -13.22 -52.88 -5.47
C THR A 193 -11.84 -52.23 -5.54
N LYS A 194 -11.39 -51.85 -6.74
CA LYS A 194 -10.00 -51.45 -6.96
C LYS A 194 -9.95 -50.01 -7.46
N LEU A 195 -8.73 -49.47 -7.45
CA LEU A 195 -8.46 -48.06 -7.67
C LEU A 195 -7.69 -47.85 -8.97
N GLU A 196 -7.98 -46.74 -9.65
CA GLU A 196 -7.30 -46.35 -10.87
C GLU A 196 -6.50 -45.08 -10.72
N LYS A 197 -7.12 -43.99 -10.27
CA LYS A 197 -6.48 -42.69 -10.22
C LYS A 197 -6.89 -41.98 -8.93
N PHE A 198 -6.08 -40.99 -8.54
CA PHE A 198 -6.43 -40.11 -7.44
C PHE A 198 -5.82 -38.73 -7.70
N ILE A 199 -6.58 -37.68 -7.40
CA ILE A 199 -6.17 -36.31 -7.67
C ILE A 199 -6.71 -35.41 -6.56
N ALA A 200 -6.13 -34.21 -6.49
CA ALA A 200 -6.48 -33.27 -5.44
C ALA A 200 -7.73 -32.47 -5.81
N VAL A 201 -8.44 -32.01 -4.79
CA VAL A 201 -9.61 -31.16 -4.95
C VAL A 201 -9.50 -30.02 -3.94
N ASP A 202 -9.93 -28.85 -4.34
CA ASP A 202 -9.78 -27.66 -3.49
C ASP A 202 -10.62 -27.82 -2.23
N PRO A 203 -10.07 -27.54 -1.04
CA PRO A 203 -10.85 -27.75 0.19
C PRO A 203 -11.94 -26.71 0.40
N SER A 204 -11.84 -25.53 -0.22
CA SER A 204 -12.80 -24.47 0.04
C SER A 204 -14.20 -24.85 -0.40
N THR A 205 -14.32 -25.68 -1.43
CA THR A 205 -15.61 -26.04 -2.01
C THR A 205 -16.25 -27.25 -1.34
N ILE A 206 -15.56 -27.91 -0.42
CA ILE A 206 -16.01 -29.19 0.15
C ILE A 206 -16.54 -28.92 1.55
N PHE A 207 -17.64 -29.58 1.90
CA PHE A 207 -18.30 -29.44 3.19
C PHE A 207 -18.68 -30.82 3.71
N TYR A 208 -19.09 -30.85 4.97
CA TYR A 208 -19.71 -32.05 5.53
C TYR A 208 -21.19 -32.07 5.19
N ALA A 209 -21.66 -33.18 4.63
CA ALA A 209 -23.07 -33.31 4.32
C ALA A 209 -23.88 -33.63 5.57
N THR A 210 -25.19 -33.35 5.49
CA THR A 210 -26.09 -33.56 6.61
C THR A 210 -27.36 -34.24 6.12
N ASP A 211 -28.05 -34.90 7.05
CA ASP A 211 -29.28 -35.61 6.74
C ASP A 211 -30.46 -34.64 6.79
N LYS A 212 -31.67 -35.19 6.61
CA LYS A 212 -32.86 -34.37 6.69
C LYS A 212 -33.02 -33.73 8.06
N LYS A 213 -32.56 -34.41 9.11
CA LYS A 213 -32.59 -33.85 10.45
C LYS A 213 -31.48 -32.85 10.71
N GLY A 214 -30.54 -32.68 9.76
CA GLY A 214 -29.44 -31.75 9.92
C GLY A 214 -28.19 -32.35 10.53
N LYS A 215 -28.25 -33.58 11.00
CA LYS A 215 -27.07 -34.22 11.58
C LYS A 215 -26.14 -34.72 10.47
N ILE A 216 -24.85 -34.74 10.77
CA ILE A 216 -23.85 -35.18 9.80
C ILE A 216 -24.03 -36.67 9.55
N ILE A 217 -23.86 -37.07 8.29
CA ILE A 217 -24.14 -38.44 7.86
C ILE A 217 -22.87 -39.27 7.98
N LYS A 218 -23.04 -40.56 8.26
CA LYS A 218 -21.95 -41.53 8.24
C LYS A 218 -22.02 -42.44 7.02
N GLY A 219 -23.14 -43.12 6.84
CA GLY A 219 -23.25 -44.08 5.75
C GLY A 219 -23.42 -43.40 4.41
N GLY A 220 -22.93 -44.08 3.37
CA GLY A 220 -23.07 -43.58 2.02
C GLY A 220 -22.32 -42.28 1.82
N LYS A 221 -22.88 -41.43 0.96
CA LYS A 221 -22.23 -40.16 0.63
C LYS A 221 -22.18 -39.26 1.86
N ARG A 222 -20.99 -38.72 2.14
CA ARG A 222 -20.71 -38.00 3.37
C ARG A 222 -20.15 -36.62 3.12
N PHE A 223 -19.40 -36.46 2.02
CA PHE A 223 -18.79 -35.19 1.66
C PHE A 223 -19.43 -34.64 0.40
N VAL A 224 -19.63 -33.32 0.36
CA VAL A 224 -20.37 -32.65 -0.70
C VAL A 224 -19.54 -31.46 -1.19
N GLN A 225 -19.59 -31.22 -2.49
CA GLN A 225 -18.91 -30.09 -3.12
C GLN A 225 -19.94 -29.02 -3.45
N VAL A 226 -19.63 -27.77 -3.11
CA VAL A 226 -20.52 -26.64 -3.33
C VAL A 226 -19.76 -25.58 -4.12
N VAL A 227 -20.41 -25.04 -5.16
CA VAL A 227 -19.86 -23.99 -5.98
C VAL A 227 -20.91 -22.90 -6.14
N ASP A 228 -20.57 -21.67 -5.77
CA ASP A 228 -21.48 -20.53 -5.84
C ASP A 228 -22.78 -20.83 -5.08
N LYS A 229 -22.63 -21.48 -3.92
CA LYS A 229 -23.74 -21.78 -3.02
C LYS A 229 -24.73 -22.79 -3.62
N ARG A 230 -24.30 -23.55 -4.62
CA ARG A 230 -25.12 -24.60 -5.22
C ARG A 230 -24.44 -25.95 -5.05
N VAL A 231 -25.21 -26.96 -4.69
CA VAL A 231 -24.71 -28.31 -4.55
C VAL A 231 -24.50 -28.88 -5.95
N VAL A 232 -23.31 -29.42 -6.20
CA VAL A 232 -22.91 -29.93 -7.50
C VAL A 232 -22.76 -31.45 -7.47
N ALA A 233 -22.00 -31.97 -6.51
CA ALA A 233 -21.75 -33.39 -6.42
C ALA A 233 -21.43 -33.76 -4.98
N SER A 234 -21.55 -35.05 -4.68
CA SER A 234 -21.28 -35.57 -3.35
C SER A 234 -20.58 -36.92 -3.49
N PHE A 235 -19.83 -37.29 -2.45
CA PHE A 235 -18.87 -38.38 -2.52
C PHE A 235 -19.01 -39.30 -1.32
N THR A 236 -18.69 -40.56 -1.53
CA THR A 236 -18.58 -41.54 -0.45
C THR A 236 -17.27 -41.33 0.29
N SER A 237 -17.21 -41.82 1.54
CA SER A 237 -16.04 -41.64 2.37
C SER A 237 -14.79 -42.21 1.70
N ARG A 238 -14.90 -43.42 1.14
CA ARG A 238 -13.75 -44.01 0.46
C ARG A 238 -13.37 -43.23 -0.79
N GLU A 239 -14.34 -42.59 -1.44
CA GLU A 239 -14.10 -41.89 -2.69
C GLU A 239 -13.45 -40.52 -2.50
N LEU A 240 -13.46 -39.98 -1.28
CA LEU A 240 -12.90 -38.66 -1.02
C LEU A 240 -12.35 -38.62 0.39
N ALA A 241 -11.08 -38.24 0.52
CA ALA A 241 -10.41 -38.15 1.80
C ALA A 241 -10.62 -36.79 2.45
N MET A 242 -10.32 -36.73 3.75
CA MET A 242 -10.44 -35.49 4.52
C MET A 242 -9.31 -35.48 5.55
N GLY A 243 -8.33 -34.61 5.34
CA GLY A 243 -7.21 -34.49 6.26
C GLY A 243 -7.26 -33.21 7.08
N ILE A 244 -7.31 -33.34 8.39
CA ILE A 244 -7.33 -32.22 9.32
C ILE A 244 -6.05 -32.25 10.13
N ARG A 245 -5.27 -31.18 10.05
CA ARG A 245 -3.98 -31.11 10.73
C ARG A 245 -4.08 -30.51 12.12
N ASN A 246 -5.05 -29.61 12.34
CA ASN A 246 -5.21 -28.90 13.60
C ASN A 246 -6.65 -29.10 14.08
N PRO A 247 -6.98 -30.30 14.54
CA PRO A 247 -8.35 -30.59 14.94
C PRO A 247 -8.70 -29.96 16.28
N ARG A 248 -10.00 -29.95 16.57
CA ARG A 248 -10.51 -29.41 17.81
C ARG A 248 -11.71 -30.24 18.26
N THR A 249 -11.96 -30.24 19.57
CA THR A 249 -12.98 -31.09 20.17
C THR A 249 -14.29 -30.34 20.42
N GLU A 250 -14.27 -29.01 20.43
CA GLU A 250 -15.46 -28.25 20.76
C GLU A 250 -16.54 -28.46 19.71
N LEU A 251 -17.80 -28.46 20.17
CA LEU A 251 -18.93 -28.72 19.28
C LEU A 251 -19.08 -27.64 18.23
N SER A 252 -18.61 -26.41 18.53
CA SER A 252 -18.84 -25.29 17.63
C SER A 252 -18.19 -25.53 16.27
N SER A 253 -16.96 -26.06 16.27
CA SER A 253 -16.26 -26.30 15.00
C SER A 253 -16.80 -27.51 14.26
N SER A 254 -17.35 -28.48 14.99
CA SER A 254 -17.93 -29.69 14.39
C SER A 254 -16.89 -30.45 13.57
N GLY A 255 -15.65 -30.50 14.07
CA GLY A 255 -14.61 -31.29 13.48
C GLY A 255 -13.74 -30.54 12.48
N TYR A 256 -14.19 -29.40 11.97
CA TYR A 256 -13.37 -28.64 11.04
C TYR A 256 -12.10 -28.14 11.72
N GLY A 257 -11.01 -28.15 10.97
CA GLY A 257 -9.74 -27.71 11.52
C GLY A 257 -9.68 -26.21 11.72
N LEU A 258 -8.71 -25.79 12.52
CA LEU A 258 -8.47 -24.38 12.80
C LEU A 258 -7.22 -23.96 12.04
N SER A 259 -7.35 -22.93 11.21
CA SER A 259 -6.25 -22.44 10.40
C SER A 259 -5.52 -21.31 11.11
N GLU A 260 -4.20 -21.31 10.98
CA GLU A 260 -3.38 -20.29 11.63
C GLU A 260 -3.65 -18.90 11.07
N VAL A 261 -4.15 -18.80 9.84
CA VAL A 261 -4.43 -17.50 9.24
C VAL A 261 -5.52 -16.78 10.04
N GLU A 262 -6.54 -17.51 10.47
CA GLU A 262 -7.59 -16.92 11.28
C GLU A 262 -7.03 -16.40 12.60
N ILE A 263 -6.10 -17.14 13.19
CA ILE A 263 -5.52 -16.71 14.47
C ILE A 263 -4.70 -15.45 14.27
N ALA A 264 -3.95 -15.37 13.17
CA ALA A 264 -3.05 -14.25 12.90
C ALA A 264 -3.70 -13.17 12.04
N MET A 265 -5.04 -13.17 11.94
CA MET A 265 -5.72 -12.22 11.07
C MET A 265 -5.40 -10.78 11.47
N LYS A 266 -5.52 -10.48 12.76
CA LYS A 266 -5.21 -9.13 13.24
C LYS A 266 -3.76 -8.77 12.93
N GLU A 267 -2.83 -9.70 13.18
CA GLU A 267 -1.43 -9.45 12.91
C GLU A 267 -1.19 -9.24 11.43
N PHE A 268 -1.88 -10.01 10.57
CA PHE A 268 -1.71 -9.86 9.14
C PHE A 268 -2.17 -8.49 8.66
N ILE A 269 -3.34 -8.03 9.12
CA ILE A 269 -3.81 -6.71 8.70
C ILE A 269 -2.90 -5.62 9.25
N ALA A 270 -2.38 -5.81 10.48
CA ALA A 270 -1.45 -4.84 11.03
C ALA A 270 -0.18 -4.75 10.18
N TYR A 271 0.35 -5.91 9.76
CA TYR A 271 1.51 -5.90 8.88
C TYR A 271 1.21 -5.20 7.57
N ASN A 272 0.04 -5.49 6.98
CA ASN A 272 -0.31 -4.90 5.70
C ASN A 272 -0.40 -3.38 5.80
N ASN A 273 -1.10 -2.87 6.82
CA ASN A 273 -1.26 -1.43 6.91
C ASN A 273 0.02 -0.74 7.38
N THR A 274 0.89 -1.44 8.11
CA THR A 274 2.21 -0.90 8.43
C THR A 274 3.02 -0.73 7.15
N GLU A 275 3.03 -1.74 6.29
CA GLU A 275 3.73 -1.63 5.01
C GLU A 275 3.15 -0.50 4.18
N SER A 276 1.82 -0.37 4.17
CA SER A 276 1.19 0.72 3.44
C SER A 276 1.61 2.07 4.00
N PHE A 277 1.70 2.18 5.33
CA PHE A 277 2.13 3.42 5.95
C PHE A 277 3.55 3.77 5.54
N ASN A 278 4.44 2.79 5.53
CA ASN A 278 5.81 3.04 5.11
C ASN A 278 5.88 3.45 3.64
N ASP A 279 5.09 2.82 2.78
CA ASP A 279 5.15 3.10 1.35
C ASP A 279 4.45 4.41 0.98
N ARG A 280 3.53 4.89 1.81
CA ARG A 280 2.78 6.09 1.46
C ARG A 280 3.63 7.36 1.55
N PHE A 281 4.82 7.29 2.15
CA PHE A 281 5.72 8.43 2.08
C PHE A 281 6.11 8.72 0.64
N PHE A 282 6.34 7.67 -0.15
CA PHE A 282 6.68 7.81 -1.56
C PHE A 282 5.44 7.89 -2.44
N SER A 283 4.50 6.94 -2.27
CA SER A 283 3.34 6.93 -3.15
C SER A 283 2.38 8.09 -2.88
N HIS A 284 2.52 8.77 -1.75
CA HIS A 284 1.72 9.94 -1.42
C HIS A 284 2.65 11.04 -0.91
N GLY A 285 2.08 12.23 -0.72
CA GLY A 285 2.87 13.41 -0.44
C GLY A 285 3.55 13.35 0.93
N GLY A 286 4.02 14.51 1.35
CA GLY A 286 4.71 14.65 2.62
C GLY A 286 6.21 14.48 2.56
N THR A 287 6.81 14.55 1.37
CA THR A 287 8.24 14.34 1.20
C THR A 287 9.02 15.64 1.19
N THR A 288 8.39 16.78 1.53
CA THR A 288 9.08 18.04 1.51
C THR A 288 10.15 18.10 2.58
N ARG A 289 11.27 18.76 2.27
CA ARG A 289 12.34 18.96 3.23
C ARG A 289 12.10 20.17 4.12
N GLY A 290 11.61 21.26 3.54
CA GLY A 290 11.36 22.46 4.32
C GLY A 290 10.84 23.56 3.41
N ILE A 291 10.58 24.71 4.03
CA ILE A 291 10.05 25.88 3.35
C ILE A 291 11.05 27.02 3.50
N LEU A 292 11.28 27.74 2.40
CA LEU A 292 12.17 28.89 2.39
C LEU A 292 11.33 30.16 2.42
N GLN A 293 11.25 30.79 3.58
CA GLN A 293 10.48 32.02 3.75
C GLN A 293 11.36 33.24 3.46
N ILE A 294 10.79 34.20 2.75
CA ILE A 294 11.44 35.48 2.46
C ILE A 294 10.47 36.57 2.88
N ARG A 295 10.88 37.41 3.82
CA ARG A 295 10.01 38.46 4.32
C ARG A 295 10.02 39.66 3.36
N SER A 296 8.84 40.23 3.15
CA SER A 296 8.71 41.41 2.31
C SER A 296 7.44 42.16 2.71
N ASP A 297 7.47 43.48 2.52
CA ASP A 297 6.29 44.29 2.82
C ASP A 297 5.12 43.90 1.93
N GLN A 298 5.39 43.62 0.66
CA GLN A 298 4.37 43.17 -0.29
C GLN A 298 4.73 41.79 -0.80
N GLN A 299 3.72 40.95 -1.00
CA GLN A 299 3.93 39.67 -1.67
C GLN A 299 4.28 39.92 -3.13
N GLN A 300 5.42 39.37 -3.56
CA GLN A 300 5.88 39.60 -4.92
C GLN A 300 4.90 39.05 -5.93
N SER A 301 4.74 39.76 -7.04
CA SER A 301 3.84 39.32 -8.10
C SER A 301 4.34 38.00 -8.70
N GLN A 302 3.39 37.21 -9.19
CA GLN A 302 3.72 35.86 -9.65
C GLN A 302 4.70 35.90 -10.82
N HIS A 303 4.66 36.95 -11.63
CA HIS A 303 5.64 37.09 -12.71
C HIS A 303 7.05 37.19 -12.15
N ALA A 304 7.22 37.99 -11.10
CA ALA A 304 8.53 38.11 -10.47
C ALA A 304 9.00 36.79 -9.89
N LEU A 305 8.08 36.04 -9.28
CA LEU A 305 8.45 34.74 -8.72
C LEU A 305 8.83 33.77 -9.83
N GLU A 306 8.15 33.84 -10.98
CA GLU A 306 8.51 32.98 -12.10
C GLU A 306 9.90 33.31 -12.62
N ASN A 307 10.23 34.60 -12.73
CA ASN A 307 11.58 34.97 -13.15
C ASN A 307 12.62 34.56 -12.12
N PHE A 308 12.26 34.67 -10.83
CA PHE A 308 13.10 34.17 -9.75
C PHE A 308 13.40 32.68 -9.94
N LYS A 309 12.35 31.90 -10.25
CA LYS A 309 12.52 30.48 -10.49
C LYS A 309 13.41 30.24 -11.70
N ARG A 310 13.22 31.03 -12.76
CA ARG A 310 14.04 30.86 -13.96
C ARG A 310 15.51 31.06 -13.63
N GLU A 311 15.83 32.13 -12.91
CA GLU A 311 17.22 32.37 -12.53
C GLU A 311 17.76 31.25 -11.66
N TRP A 312 16.96 30.81 -10.68
CA TRP A 312 17.39 29.76 -9.78
C TRP A 312 17.69 28.47 -10.54
N LYS A 313 16.79 28.10 -11.45
CA LYS A 313 16.98 26.87 -12.22
C LYS A 313 18.18 26.98 -13.14
N SER A 314 18.36 28.14 -13.78
CA SER A 314 19.47 28.30 -14.71
C SER A 314 20.80 28.26 -13.99
N SER A 315 20.87 28.78 -12.76
CA SER A 315 22.14 28.87 -12.04
C SER A 315 22.47 27.62 -11.23
N LEU A 316 21.47 27.02 -10.57
CA LEU A 316 21.72 26.00 -9.55
C LEU A 316 21.22 24.60 -9.90
N SER A 317 20.23 24.47 -10.77
CA SER A 317 19.56 23.19 -10.95
C SER A 317 20.50 22.13 -11.50
N GLY A 318 20.35 20.91 -11.00
CA GLY A 318 21.07 19.76 -11.52
C GLY A 318 22.52 19.74 -11.09
N ILE A 319 23.26 18.82 -11.69
CA ILE A 319 24.71 18.76 -11.46
C ILE A 319 25.35 20.08 -11.88
N ASN A 320 24.89 20.66 -12.98
CA ASN A 320 25.41 21.94 -13.42
C ASN A 320 25.18 23.01 -12.35
N GLY A 321 26.25 23.68 -11.96
CA GLY A 321 26.17 24.68 -10.90
C GLY A 321 25.68 24.12 -9.59
N SER A 322 26.04 22.88 -9.28
CA SER A 322 25.57 22.24 -8.05
C SER A 322 26.17 22.89 -6.81
N TRP A 323 27.47 23.17 -6.84
CA TRP A 323 28.19 23.66 -5.67
C TRP A 323 28.10 25.18 -5.50
N GLN A 324 27.41 25.88 -6.40
CA GLN A 324 27.37 27.33 -6.33
C GLN A 324 26.49 27.80 -5.18
N ILE A 325 26.65 29.07 -4.83
CA ILE A 325 25.94 29.71 -3.74
C ILE A 325 25.17 30.89 -4.32
N PRO A 326 23.85 30.99 -4.14
CA PRO A 326 23.14 32.19 -4.58
C PRO A 326 23.27 33.31 -3.56
N VAL A 327 22.85 34.51 -3.99
CA VAL A 327 22.86 35.70 -3.15
C VAL A 327 21.51 36.38 -3.25
N VAL A 328 20.96 36.80 -2.12
CA VAL A 328 19.67 37.48 -2.04
C VAL A 328 19.81 38.61 -1.03
N MET A 329 19.18 39.74 -1.31
CA MET A 329 19.32 40.95 -0.52
C MET A 329 18.01 41.36 0.12
N ALA A 330 17.22 40.37 0.55
CA ALA A 330 15.97 40.67 1.22
C ALA A 330 16.21 41.06 2.68
N ASP A 331 15.13 41.48 3.35
CA ASP A 331 15.24 41.94 4.73
C ASP A 331 15.63 40.79 5.65
N ASP A 332 14.93 39.67 5.56
CA ASP A 332 15.18 38.53 6.43
C ASP A 332 14.74 37.26 5.70
N ILE A 333 15.50 36.19 5.91
CA ILE A 333 15.25 34.89 5.28
C ILE A 333 15.29 33.83 6.36
N LYS A 334 14.40 32.85 6.26
CA LYS A 334 14.37 31.71 7.17
C LYS A 334 14.17 30.44 6.36
N PHE A 335 14.65 29.33 6.92
CA PHE A 335 14.36 28.00 6.40
C PHE A 335 13.85 27.15 7.55
N VAL A 336 12.58 26.73 7.46
CA VAL A 336 11.92 25.96 8.51
C VAL A 336 11.82 24.52 8.03
N ASN A 337 12.26 23.58 8.87
CA ASN A 337 12.32 22.18 8.50
C ASN A 337 11.00 21.50 8.82
N MET A 338 10.45 20.78 7.83
CA MET A 338 9.23 20.02 8.01
C MET A 338 9.47 18.54 8.25
N THR A 339 10.64 18.04 7.85
CA THR A 339 11.03 16.64 8.04
C THR A 339 12.43 16.61 8.61
N PRO A 340 12.81 15.52 9.29
CA PRO A 340 14.14 15.48 9.92
C PRO A 340 15.29 15.49 8.92
N THR A 341 16.51 15.48 9.45
CA THR A 341 17.69 15.56 8.59
C THR A 341 17.79 14.35 7.67
N ALA A 342 17.53 13.16 8.21
CA ALA A 342 17.61 11.93 7.43
C ALA A 342 16.44 11.03 7.79
N ASN A 343 15.79 10.48 6.77
CA ASN A 343 14.64 9.62 6.94
C ASN A 343 15.08 8.16 6.96
N ASP A 344 14.19 7.30 7.45
CA ASP A 344 14.44 5.87 7.49
C ASP A 344 13.11 5.17 7.77
N MET A 345 13.15 3.84 7.70
CA MET A 345 11.95 3.05 7.94
C MET A 345 11.47 3.24 9.38
N GLN A 346 10.15 3.22 9.56
CA GLN A 346 9.53 3.38 10.86
C GLN A 346 8.89 2.08 11.31
N PHE A 347 8.77 1.93 12.63
CA PHE A 347 8.12 0.76 13.25
C PHE A 347 8.81 -0.53 12.83
N GLU A 348 10.14 -0.51 12.82
CA GLU A 348 10.90 -1.69 12.42
C GLU A 348 10.73 -2.83 13.42
N LYS A 349 10.89 -2.53 14.71
CA LYS A 349 10.79 -3.57 15.73
C LYS A 349 9.37 -4.12 15.80
N TRP A 350 8.37 -3.29 15.53
CA TRP A 350 6.99 -3.77 15.48
C TRP A 350 6.83 -4.83 14.40
N LEU A 351 7.39 -4.58 13.21
CA LEU A 351 7.32 -5.56 12.14
C LEU A 351 8.04 -6.84 12.51
N ASN A 352 9.22 -6.73 13.12
CA ASN A 352 9.97 -7.91 13.52
C ASN A 352 9.17 -8.74 14.52
N TYR A 353 8.54 -8.08 15.49
CA TYR A 353 7.72 -8.80 16.47
C TYR A 353 6.55 -9.51 15.80
N LEU A 354 5.85 -8.80 14.91
CA LEU A 354 4.70 -9.41 14.24
C LEU A 354 5.11 -10.63 13.45
N ILE A 355 6.15 -10.49 12.62
CA ILE A 355 6.57 -11.61 11.78
C ILE A 355 7.12 -12.73 12.64
N ASN A 356 7.75 -12.42 13.77
CA ASN A 356 8.27 -13.47 14.64
C ASN A 356 7.14 -14.30 15.21
N ILE A 357 6.07 -13.65 15.69
CA ILE A 357 4.97 -14.43 16.27
C ILE A 357 4.24 -15.20 15.16
N ILE A 358 4.09 -14.59 13.98
CA ILE A 358 3.45 -15.31 12.88
C ILE A 358 4.26 -16.54 12.52
N SER A 359 5.59 -16.41 12.45
CA SER A 359 6.44 -17.55 12.16
C SER A 359 6.33 -18.61 13.25
N ALA A 360 6.27 -18.18 14.51
CA ALA A 360 6.18 -19.13 15.61
C ALA A 360 4.87 -19.91 15.54
N LEU A 361 3.80 -19.28 15.05
CA LEU A 361 2.54 -20.00 14.90
C LEU A 361 2.69 -21.15 13.93
N TYR A 362 3.35 -20.93 12.80
CA TYR A 362 3.58 -21.98 11.82
C TYR A 362 4.75 -22.89 12.17
N GLY A 363 5.53 -22.54 13.19
CA GLY A 363 6.68 -23.34 13.58
C GLY A 363 7.92 -23.14 12.75
N ILE A 364 7.93 -22.17 11.83
CA ILE A 364 9.06 -21.92 10.96
C ILE A 364 10.01 -20.94 11.63
N ASP A 365 11.31 -21.14 11.42
CA ASP A 365 12.31 -20.23 11.96
C ASP A 365 12.24 -18.90 11.22
N PRO A 366 12.12 -17.76 11.92
CA PRO A 366 12.10 -16.47 11.21
C PRO A 366 13.34 -16.22 10.36
N ALA A 367 14.49 -16.79 10.74
CA ALA A 367 15.72 -16.54 10.00
C ALA A 367 15.61 -16.99 8.55
N GLU A 368 14.78 -17.99 8.27
CA GLU A 368 14.65 -18.50 6.90
C GLU A 368 13.99 -17.48 5.99
N ILE A 369 13.10 -16.64 6.54
CA ILE A 369 12.34 -15.68 5.75
C ILE A 369 12.95 -14.28 5.85
N GLY A 370 14.23 -14.19 6.16
CA GLY A 370 14.92 -12.91 6.18
C GLY A 370 14.46 -11.95 7.27
N PHE A 371 14.27 -12.45 8.48
CA PHE A 371 13.99 -11.61 9.64
C PHE A 371 14.85 -12.09 10.80
N PRO A 372 15.14 -11.21 11.76
CA PRO A 372 15.93 -11.62 12.92
C PRO A 372 15.06 -12.31 13.97
N ASN A 373 15.65 -13.30 14.64
CA ASN A 373 15.02 -13.90 15.81
C ASN A 373 15.18 -12.95 16.99
N ARG A 374 14.06 -12.53 17.57
CA ARG A 374 14.13 -11.63 18.72
C ARG A 374 14.81 -12.28 19.91
N GLY A 375 14.91 -13.61 19.92
CA GLY A 375 15.69 -14.31 20.92
C GLY A 375 16.47 -15.46 20.29
N GLY A 376 17.44 -15.95 21.05
CA GLY A 376 18.20 -17.14 20.64
C GLY A 376 19.43 -16.77 19.82
N ALA A 377 19.41 -17.11 18.53
CA ALA A 377 20.64 -17.10 17.73
C ALA A 377 21.20 -15.69 17.59
N THR A 378 20.34 -14.67 17.53
CA THR A 378 20.81 -13.30 17.34
C THR A 378 21.76 -12.87 18.45
N GLN A 395 20.17 -25.34 12.82
CA GLN A 395 19.08 -25.45 11.85
C GLN A 395 18.38 -26.79 11.97
N GLN A 396 19.11 -27.80 12.48
CA GLN A 396 18.53 -29.13 12.60
C GLN A 396 17.33 -29.15 13.54
N GLN A 397 17.43 -28.44 14.68
CA GLN A 397 16.31 -28.41 15.61
C GLN A 397 15.12 -27.66 15.02
N SER A 398 15.37 -26.56 14.30
CA SER A 398 14.29 -25.87 13.64
C SER A 398 13.61 -26.77 12.60
N GLN A 399 14.41 -27.48 11.81
CA GLN A 399 13.85 -28.42 10.86
C GLN A 399 13.07 -29.52 11.56
N ASN A 400 13.60 -30.01 12.69
CA ASN A 400 12.96 -31.13 13.38
C ASN A 400 11.55 -30.79 13.81
N LYS A 401 11.33 -29.57 14.30
CA LYS A 401 10.00 -29.16 14.73
C LYS A 401 9.15 -28.65 13.58
N GLY A 402 9.77 -28.13 12.52
CA GLY A 402 9.03 -27.53 11.43
C GLY A 402 8.56 -28.50 10.37
N LEU A 403 9.50 -29.25 9.80
CA LEU A 403 9.24 -30.05 8.59
C LEU A 403 8.77 -31.46 8.93
N GLN A 404 9.47 -32.14 9.84
CA GLN A 404 9.18 -33.55 10.10
C GLN A 404 7.73 -33.82 10.49
N PRO A 405 7.08 -33.02 11.35
CA PRO A 405 5.65 -33.26 11.60
C PRO A 405 4.80 -33.20 10.34
N LEU A 406 5.10 -32.26 9.44
CA LEU A 406 4.35 -32.16 8.19
C LEU A 406 4.55 -33.40 7.33
N LEU A 407 5.80 -33.88 7.24
CA LEU A 407 6.08 -35.07 6.48
C LEU A 407 5.35 -36.28 7.07
N ARG A 408 5.32 -36.38 8.40
CA ARG A 408 4.64 -37.50 9.03
C ARG A 408 3.13 -37.41 8.82
N PHE A 409 2.58 -36.19 8.81
CA PHE A 409 1.16 -36.02 8.53
C PHE A 409 0.83 -36.50 7.13
N ILE A 410 1.61 -36.06 6.13
CA ILE A 410 1.38 -36.50 4.75
C ILE A 410 1.56 -38.01 4.67
N GLU A 411 2.55 -38.54 5.38
CA GLU A 411 2.81 -39.98 5.38
C GLU A 411 1.60 -40.75 5.88
N ASP A 412 1.07 -40.35 7.04
CA ASP A 412 -0.07 -41.06 7.60
C ASP A 412 -1.29 -40.95 6.70
N LEU A 413 -1.55 -39.76 6.16
CA LEU A 413 -2.70 -39.58 5.28
C LEU A 413 -2.60 -40.49 4.06
N VAL A 414 -1.47 -40.40 3.35
CA VAL A 414 -1.29 -41.18 2.13
C VAL A 414 -1.36 -42.66 2.45
N ASN A 415 -0.70 -43.09 3.52
CA ASN A 415 -0.74 -44.49 3.90
C ASN A 415 -2.18 -44.96 4.12
N ARG A 416 -2.85 -44.39 5.12
CA ARG A 416 -4.15 -44.91 5.52
C ARG A 416 -5.22 -44.73 4.45
N HIS A 417 -5.02 -43.86 3.45
CA HIS A 417 -6.02 -43.69 2.42
C HIS A 417 -5.72 -44.46 1.14
N ILE A 418 -4.46 -44.57 0.74
CA ILE A 418 -4.10 -45.26 -0.49
C ILE A 418 -3.79 -46.74 -0.23
N ILE A 419 -2.87 -47.01 0.70
CA ILE A 419 -2.39 -48.38 0.87
C ILE A 419 -3.49 -49.27 1.42
N SER A 420 -4.54 -48.69 2.02
CA SER A 420 -5.67 -49.48 2.49
C SER A 420 -6.34 -50.22 1.34
N GLU A 421 -6.24 -49.68 0.12
CA GLU A 421 -6.90 -50.31 -1.02
C GLU A 421 -6.17 -51.56 -1.49
N TYR A 422 -4.89 -51.71 -1.17
CA TYR A 422 -4.09 -52.84 -1.61
C TYR A 422 -3.98 -53.93 -0.55
N GLY A 423 -3.67 -53.55 0.69
CA GLY A 423 -3.58 -54.51 1.76
C GLY A 423 -3.01 -53.94 3.04
N ASP A 424 -3.22 -54.64 4.16
CA ASP A 424 -2.71 -54.18 5.44
C ASP A 424 -1.21 -54.44 5.59
N LYS A 425 -0.68 -55.43 4.89
CA LYS A 425 0.70 -55.87 5.11
C LYS A 425 1.74 -54.88 4.61
N TYR A 426 1.34 -53.84 3.88
CA TYR A 426 2.26 -52.85 3.34
C TYR A 426 2.08 -51.51 4.04
N THR A 427 3.12 -50.68 3.92
CA THR A 427 3.08 -49.32 4.48
C THR A 427 3.96 -48.42 3.65
N PHE A 428 3.69 -47.11 3.76
CA PHE A 428 4.41 -46.09 3.03
C PHE A 428 5.12 -45.18 4.02
N GLN A 429 6.40 -44.90 3.76
CA GLN A 429 7.17 -44.05 4.65
C GLN A 429 8.27 -43.34 3.87
N PHE A 430 8.66 -42.17 4.38
CA PHE A 430 9.80 -41.43 3.84
C PHE A 430 11.09 -41.91 4.46
N VAL A 431 12.21 -41.56 3.82
CA VAL A 431 13.52 -42.01 4.26
C VAL A 431 14.57 -40.99 3.81
N GLY A 432 15.63 -40.88 4.59
CA GLY A 432 16.78 -40.07 4.24
C GLY A 432 16.80 -38.73 4.97
N GLY A 433 17.95 -38.08 4.91
CA GLY A 433 18.13 -36.80 5.55
C GLY A 433 18.23 -36.83 7.05
N ASP A 434 18.47 -38.00 7.64
CA ASP A 434 18.53 -38.19 9.09
C ASP A 434 19.74 -39.02 9.47
N THR A 435 20.89 -38.67 8.91
CA THR A 435 22.11 -39.44 9.18
C THR A 435 22.50 -39.38 10.66
N LYS A 436 22.35 -38.22 11.28
CA LYS A 436 22.82 -38.04 12.65
C LYS A 436 22.08 -38.97 13.61
N SER A 437 20.76 -39.09 13.46
CA SER A 437 20.01 -40.00 14.31
C SER A 437 20.44 -41.44 14.08
N ALA A 438 20.59 -41.85 12.82
CA ALA A 438 21.08 -43.18 12.52
C ALA A 438 22.49 -43.38 13.04
N THR A 439 23.31 -42.32 12.98
CA THR A 439 24.66 -42.41 13.53
C THR A 439 24.62 -42.66 15.04
N ASP A 440 23.73 -41.97 15.75
CA ASP A 440 23.61 -42.17 17.19
C ASP A 440 23.09 -43.56 17.51
N LYS A 441 22.15 -44.06 16.69
CA LYS A 441 21.66 -45.42 16.86
C LYS A 441 22.79 -46.44 16.70
N LEU A 442 23.57 -46.29 15.64
CA LEU A 442 24.70 -47.19 15.43
C LEU A 442 25.73 -47.05 16.55
N ASN A 443 25.88 -45.84 17.10
CA ASN A 443 26.80 -45.66 18.23
C ASN A 443 26.29 -46.37 19.47
N ILE A 444 24.98 -46.32 19.71
CA ILE A 444 24.38 -47.08 20.80
C ILE A 444 24.72 -48.55 20.64
N LEU A 445 24.51 -49.08 19.44
CA LEU A 445 24.80 -50.51 19.22
C LEU A 445 26.29 -50.79 19.40
N LYS A 446 27.15 -49.91 18.91
CA LYS A 446 28.59 -50.14 18.97
C LYS A 446 29.10 -50.10 20.40
N LEU A 447 28.51 -49.27 21.25
CA LEU A 447 28.89 -49.25 22.66
C LEU A 447 28.30 -50.45 23.39
N GLU A 448 27.07 -50.84 23.03
CA GLU A 448 26.42 -51.94 23.73
C GLU A 448 27.14 -53.27 23.47
N THR A 449 27.58 -53.49 22.23
CA THR A 449 28.17 -54.77 21.88
C THR A 449 29.48 -55.04 22.60
N GLN A 450 30.16 -54.01 23.09
CA GLN A 450 31.48 -54.21 23.70
C GLN A 450 31.38 -55.11 24.92
N ILE A 451 30.33 -54.93 25.72
CA ILE A 451 30.13 -55.68 26.96
C ILE A 451 28.89 -56.56 26.90
N PHE A 452 27.80 -56.09 26.30
CA PHE A 452 26.49 -56.67 26.53
C PHE A 452 26.08 -57.67 25.46
N LYS A 453 26.04 -57.24 24.20
CA LYS A 453 25.33 -57.96 23.16
C LYS A 453 26.28 -58.76 22.28
N THR A 454 25.89 -59.98 21.96
CA THR A 454 26.60 -60.79 20.98
C THR A 454 26.30 -60.28 19.57
N VAL A 455 27.20 -60.63 18.64
CA VAL A 455 27.00 -60.21 17.25
C VAL A 455 25.74 -60.85 16.69
N ASN A 456 25.54 -62.14 16.95
CA ASN A 456 24.41 -62.85 16.38
C ASN A 456 23.10 -62.40 17.00
N GLU A 457 23.10 -62.05 18.29
CA GLU A 457 21.87 -61.54 18.91
C GLU A 457 21.45 -60.23 18.26
N ALA A 458 22.39 -59.32 18.03
CA ALA A 458 22.07 -58.06 17.37
C ALA A 458 21.59 -58.30 15.94
N ARG A 459 22.28 -59.16 15.21
CA ARG A 459 21.89 -59.44 13.83
C ARG A 459 20.48 -60.02 13.78
N GLU A 460 20.15 -60.91 14.71
CA GLU A 460 18.78 -61.42 14.78
C GLU A 460 17.82 -60.31 15.17
N GLU A 461 18.25 -59.42 16.07
CA GLU A 461 17.38 -58.35 16.55
C GLU A 461 16.97 -57.40 15.43
N GLN A 462 17.80 -57.26 14.40
CA GLN A 462 17.54 -56.32 13.31
C GLN A 462 17.14 -57.03 12.03
N GLY A 463 16.35 -58.09 12.16
CA GLY A 463 15.77 -58.75 10.99
C GLY A 463 16.77 -59.36 10.04
N LYS A 464 17.81 -60.02 10.58
CA LYS A 464 18.80 -60.69 9.77
C LYS A 464 19.12 -62.03 10.41
N LYS A 465 19.80 -62.91 9.63
CA LYS A 465 20.10 -64.25 10.11
C LYS A 465 21.54 -64.32 10.60
N PRO A 466 21.86 -65.22 11.52
CA PRO A 466 23.20 -65.20 12.13
C PRO A 466 24.27 -65.64 11.15
N ILE A 467 25.51 -65.28 11.51
CA ILE A 467 26.71 -65.70 10.77
C ILE A 467 27.44 -66.73 11.61
N GLU A 468 27.89 -67.80 10.97
CA GLU A 468 28.66 -68.82 11.69
C GLU A 468 29.97 -68.24 12.20
N GLY A 469 30.39 -68.70 13.37
CA GLY A 469 31.53 -68.13 14.07
C GLY A 469 31.33 -67.98 15.56
N GLY A 470 30.14 -68.35 16.04
CA GLY A 470 29.83 -68.21 17.46
C GLY A 470 29.18 -66.87 17.77
N ASP A 471 28.36 -66.87 18.83
CA ASP A 471 27.70 -65.66 19.31
C ASP A 471 28.67 -64.88 20.20
N ILE A 472 29.70 -64.33 19.54
CA ILE A 472 30.81 -63.71 20.25
C ILE A 472 30.44 -62.30 20.65
N ILE A 473 30.96 -61.85 21.78
CA ILE A 473 30.90 -60.46 22.21
C ILE A 473 32.24 -59.83 21.83
N LEU A 474 32.19 -58.74 21.07
CA LEU A 474 33.40 -58.23 20.42
C LEU A 474 34.23 -57.48 21.45
N ASP A 475 35.29 -58.15 21.93
CA ASP A 475 36.36 -57.50 22.67
C ASP A 475 37.56 -58.42 22.62
N ALA A 476 38.72 -57.86 22.25
CA ALA A 476 39.90 -58.69 22.03
C ALA A 476 40.27 -59.50 23.27
N SER A 477 39.97 -58.97 24.46
CA SER A 477 40.22 -59.72 25.67
C SER A 477 39.28 -60.93 25.76
N PHE A 478 37.98 -60.70 25.55
CA PHE A 478 36.99 -61.76 25.75
C PHE A 478 37.29 -62.98 24.89
N LEU A 479 37.74 -62.77 23.65
CA LEU A 479 38.07 -63.89 22.79
C LEU A 479 39.21 -64.72 23.36
N GLN A 480 40.22 -64.06 23.91
CA GLN A 480 41.33 -64.79 24.52
C GLN A 480 40.84 -65.63 25.70
N GLY A 481 39.86 -65.14 26.45
CA GLY A 481 39.33 -65.91 27.55
C GLY A 481 38.64 -67.18 27.07
N THR A 482 37.82 -67.06 26.03
CA THR A 482 37.17 -68.24 25.47
C THR A 482 38.20 -69.18 24.86
N ALA A 483 39.16 -68.62 24.12
CA ALA A 483 40.21 -69.46 23.53
C ALA A 483 41.04 -70.14 24.60
N GLN A 484 41.43 -69.39 25.64
CA GLN A 484 42.21 -69.97 26.73
C GLN A 484 41.39 -71.01 27.47
N LEU A 485 40.11 -70.73 27.71
CA LEU A 485 39.24 -71.72 28.36
C LEU A 485 39.12 -72.97 27.50
N GLN A 486 38.91 -72.79 26.20
CA GLN A 486 38.82 -73.95 25.30
C GLN A 486 40.14 -74.70 25.24
N GLN A 487 41.26 -73.98 25.17
CA GLN A 487 42.57 -74.62 25.11
C GLN A 487 42.82 -75.44 26.38
N ASP A 488 42.55 -74.85 27.55
CA ASP A 488 42.72 -75.59 28.79
C ASP A 488 41.65 -76.65 28.96
N LYS A 489 40.44 -76.40 28.44
CA LYS A 489 39.40 -77.41 28.47
C LYS A 489 39.84 -78.66 27.71
N GLN A 490 40.40 -78.47 26.52
CA GLN A 490 40.88 -79.61 25.74
C GLN A 490 42.01 -80.34 26.44
N TYR A 491 42.86 -79.59 27.15
CA TYR A 491 43.90 -80.23 27.97
C TYR A 491 43.28 -81.10 29.05
N ASN A 492 42.33 -80.55 29.79
CA ASN A 492 41.68 -81.33 30.85
C ASN A 492 40.87 -82.48 30.27
N ASP A 493 40.11 -82.23 29.21
CA ASP A 493 39.32 -83.29 28.58
C ASP A 493 40.22 -84.36 27.98
N GLY A 494 41.45 -84.00 27.61
CA GLY A 494 42.39 -84.99 27.11
C GLY A 494 42.84 -85.98 28.15
N LYS A 495 42.69 -85.66 29.44
CA LYS A 495 43.06 -86.57 30.51
C LYS A 495 42.07 -87.71 30.67
N GLN A 496 40.89 -87.64 30.05
CA GLN A 496 40.00 -88.79 30.03
C GLN A 496 40.63 -89.95 29.29
N LYS A 497 41.51 -89.67 28.32
CA LYS A 497 42.25 -90.73 27.67
C LYS A 497 43.12 -91.49 28.66
N GLU A 498 43.80 -90.76 29.55
CA GLU A 498 44.57 -91.40 30.60
C GLU A 498 43.66 -92.13 31.59
N ARG A 499 42.49 -91.55 31.87
CA ARG A 499 41.55 -92.20 32.79
C ARG A 499 41.12 -93.55 32.26
N LEU A 500 40.83 -93.63 30.95
CA LEU A 500 40.47 -94.91 30.34
C LEU A 500 41.67 -95.81 30.16
N GLN A 501 42.88 -95.24 30.06
CA GLN A 501 44.07 -96.05 29.82
C GLN A 501 44.32 -97.02 30.97
N MET A 502 44.12 -96.57 32.21
CA MET A 502 44.31 -97.45 33.35
C MET A 502 43.32 -98.60 33.37
N MET A 503 42.19 -98.48 32.67
CA MET A 503 41.18 -99.53 32.65
C MET A 503 41.73 -100.79 31.99
N SER B 16 -24.65 15.86 -26.96
CA SER B 16 -24.16 16.92 -27.82
C SER B 16 -24.25 18.27 -27.12
N LEU B 17 -23.54 19.25 -27.67
CA LEU B 17 -23.49 20.58 -27.06
C LEU B 17 -23.16 21.59 -28.14
N ASN B 18 -23.56 22.84 -27.90
CA ASN B 18 -23.34 23.95 -28.81
C ASN B 18 -22.50 25.01 -28.13
N TYR B 19 -21.45 25.48 -28.81
CA TYR B 19 -20.59 26.50 -28.26
C TYR B 19 -19.62 26.95 -29.34
N GLU B 20 -19.09 28.16 -29.17
CA GLU B 20 -17.95 28.60 -29.95
C GLU B 20 -16.73 27.76 -29.57
N TYR B 21 -15.95 27.38 -30.58
CA TYR B 21 -14.93 26.34 -30.38
C TYR B 21 -13.95 26.67 -29.27
N PRO B 22 -13.40 27.89 -29.16
CA PRO B 22 -12.47 28.15 -28.04
C PRO B 22 -13.10 28.02 -26.67
N TYR B 23 -14.38 28.34 -26.53
CA TYR B 23 -15.06 28.36 -25.23
C TYR B 23 -15.90 27.10 -25.07
N HIS B 24 -15.66 26.36 -23.99
CA HIS B 24 -16.49 25.24 -23.60
C HIS B 24 -17.33 25.62 -22.39
N PRO B 25 -18.64 25.38 -22.37
CA PRO B 25 -19.42 25.72 -21.16
C PRO B 25 -18.89 25.04 -19.91
N SER B 26 -18.39 23.83 -20.02
CA SER B 26 -17.75 23.14 -18.89
C SER B 26 -16.27 23.49 -18.85
N GLY B 27 -15.82 23.97 -17.69
CA GLY B 27 -14.42 24.33 -17.50
C GLY B 27 -14.14 25.80 -17.74
N ASN B 28 -14.29 26.27 -18.98
CA ASN B 28 -13.94 27.63 -19.37
C ASN B 28 -15.09 28.26 -20.15
N PRO B 29 -16.23 28.49 -19.48
CA PRO B 29 -17.37 29.10 -20.18
C PRO B 29 -17.05 30.52 -20.62
N LYS B 30 -17.60 30.90 -21.77
CA LYS B 30 -17.43 32.25 -22.27
C LYS B 30 -18.12 33.25 -21.33
N HIS B 31 -17.47 34.38 -21.09
CA HIS B 31 -17.99 35.39 -20.18
C HIS B 31 -18.07 36.77 -20.83
N ILE B 32 -17.15 37.07 -21.74
CA ILE B 32 -17.06 38.39 -22.35
C ILE B 32 -16.82 38.25 -23.85
N ASP B 33 -17.53 39.07 -24.63
CA ASP B 33 -17.21 39.21 -26.04
C ASP B 33 -15.95 40.03 -26.21
N VAL B 34 -15.06 39.58 -27.10
CA VAL B 34 -13.76 40.22 -27.27
C VAL B 34 -13.92 41.67 -27.72
N SER B 35 -14.94 41.97 -28.52
CA SER B 35 -15.14 43.34 -28.99
C SER B 35 -15.44 44.30 -27.84
N GLU B 36 -16.21 43.85 -26.85
CA GLU B 36 -16.60 44.73 -25.75
C GLU B 36 -15.45 45.07 -24.82
N ILE B 37 -14.29 44.43 -24.98
CA ILE B 37 -13.12 44.79 -24.20
C ILE B 37 -12.78 46.26 -24.43
N ASP B 38 -12.88 46.72 -25.69
CA ASP B 38 -12.64 48.12 -25.98
C ASP B 38 -13.75 49.00 -25.42
N ASN B 39 -14.97 48.46 -25.34
CA ASN B 39 -16.11 49.28 -24.94
C ASN B 39 -16.06 49.59 -23.45
N LEU B 40 -15.73 48.60 -22.62
CA LEU B 40 -15.79 48.81 -21.18
C LEU B 40 -14.74 49.83 -20.75
N THR B 41 -15.13 50.69 -19.81
CA THR B 41 -14.25 51.75 -19.32
C THR B 41 -14.54 51.99 -17.84
N LEU B 42 -13.92 53.02 -17.29
CA LEU B 42 -13.99 53.28 -15.85
C LEU B 42 -15.43 53.62 -15.44
N ALA B 43 -16.12 54.43 -16.24
CA ALA B 43 -17.44 54.89 -15.85
C ALA B 43 -18.42 53.74 -15.66
N ASP B 44 -18.22 52.64 -16.38
CA ASP B 44 -19.12 51.49 -16.25
C ASP B 44 -18.99 50.82 -14.89
N TYR B 45 -17.84 50.94 -14.23
CA TYR B 45 -17.60 50.34 -12.94
C TYR B 45 -17.96 51.26 -11.77
N GLY B 46 -18.49 52.45 -12.04
CA GLY B 46 -18.84 53.39 -11.00
C GLY B 46 -17.76 54.39 -10.63
N TRP B 47 -16.61 54.35 -11.29
CA TRP B 47 -15.52 55.29 -10.99
C TRP B 47 -15.70 56.58 -11.79
N SER B 48 -16.80 57.25 -11.52
CA SER B 48 -17.07 58.57 -12.10
C SER B 48 -16.61 59.66 -11.14
N PRO B 49 -16.37 60.87 -11.63
CA PRO B 49 -16.12 61.99 -10.70
C PRO B 49 -17.29 62.25 -9.78
N ASP B 50 -18.50 61.85 -10.16
CA ASP B 50 -19.66 62.01 -9.29
C ASP B 50 -19.49 61.25 -7.99
N ALA B 51 -18.95 60.03 -8.04
CA ALA B 51 -18.77 59.25 -6.82
C ALA B 51 -17.79 59.94 -5.86
N VAL B 52 -16.70 60.47 -6.41
CA VAL B 52 -15.72 61.18 -5.58
C VAL B 52 -16.35 62.42 -4.98
N LYS B 53 -17.13 63.17 -5.78
CA LYS B 53 -17.77 64.36 -5.24
C LYS B 53 -18.78 63.98 -4.15
N ALA B 54 -19.50 62.86 -4.36
CA ALA B 54 -20.49 62.43 -3.39
C ALA B 54 -19.84 62.10 -2.06
N TYR B 55 -18.71 61.39 -2.09
CA TYR B 55 -18.00 61.11 -0.85
C TYR B 55 -17.46 62.38 -0.20
N MET B 56 -17.26 63.44 -0.99
CA MET B 56 -16.88 64.76 -0.49
C MET B 56 -18.10 65.67 -0.36
N PHE B 57 -19.25 65.11 -0.03
CA PHE B 57 -20.48 65.89 0.07
C PHE B 57 -20.31 67.02 1.07
N GLY B 58 -20.73 68.22 0.68
CA GLY B 58 -20.62 69.40 1.50
C GLY B 58 -19.29 70.11 1.41
N ILE B 59 -18.33 69.59 0.64
CA ILE B 59 -17.03 70.21 0.45
C ILE B 59 -16.92 70.61 -1.02
N VAL B 60 -16.49 71.86 -1.24
CA VAL B 60 -16.28 72.40 -2.58
C VAL B 60 -14.82 72.84 -2.68
N VAL B 61 -14.15 72.43 -3.76
CA VAL B 61 -12.74 72.72 -3.99
C VAL B 61 -12.64 73.66 -5.18
N GLN B 62 -11.87 74.73 -5.02
CA GLN B 62 -11.77 75.75 -6.06
C GLN B 62 -10.48 76.53 -5.84
N ASN B 63 -10.08 77.25 -6.88
CA ASN B 63 -8.94 78.15 -6.78
C ASN B 63 -9.33 79.35 -5.93
N PRO B 64 -8.60 79.68 -4.86
CA PRO B 64 -9.01 80.84 -4.05
C PRO B 64 -8.96 82.15 -4.81
N ASP B 65 -8.07 82.28 -5.80
CA ASP B 65 -7.91 83.52 -6.52
C ASP B 65 -8.90 83.70 -7.67
N THR B 66 -9.63 82.65 -8.05
CA THR B 66 -10.59 82.73 -9.15
C THR B 66 -11.84 81.97 -8.74
N GLY B 67 -12.77 81.85 -9.68
CA GLY B 67 -13.99 81.07 -9.49
C GLY B 67 -13.95 79.70 -10.13
N GLN B 68 -12.75 79.20 -10.45
CA GLN B 68 -12.61 77.95 -11.19
C GLN B 68 -12.57 76.76 -10.23
N PRO B 69 -13.53 75.85 -10.28
CA PRO B 69 -13.31 74.52 -9.69
C PRO B 69 -12.61 73.59 -10.65
N MET B 70 -11.88 72.62 -10.09
CA MET B 70 -11.15 71.67 -10.90
C MET B 70 -12.12 70.81 -11.73
N GLY B 71 -11.78 70.61 -13.00
CA GLY B 71 -12.67 69.91 -13.91
C GLY B 71 -12.59 68.40 -13.77
N ASP B 72 -13.44 67.73 -14.55
CA ASP B 72 -13.48 66.27 -14.54
C ASP B 72 -12.18 65.65 -15.08
N GLU B 73 -11.38 66.41 -15.82
CA GLU B 73 -10.13 65.88 -16.36
C GLU B 73 -9.21 65.45 -15.23
N PHE B 74 -9.07 66.28 -14.20
CA PHE B 74 -8.20 65.94 -13.08
C PHE B 74 -8.77 64.77 -12.29
N TYR B 75 -10.10 64.72 -12.14
CA TYR B 75 -10.72 63.61 -11.42
C TYR B 75 -10.45 62.30 -12.13
N ASN B 76 -10.61 62.28 -13.45
CA ASN B 76 -10.36 61.06 -14.22
C ASN B 76 -8.89 60.66 -14.14
N HIS B 77 -7.98 61.62 -14.24
CA HIS B 77 -6.55 61.29 -14.23
C HIS B 77 -6.15 60.75 -12.86
N ILE B 78 -6.73 61.31 -11.80
CA ILE B 78 -6.51 60.77 -10.47
C ILE B 78 -7.07 59.36 -10.38
N LEU B 79 -8.28 59.15 -10.91
CA LEU B 79 -8.91 57.84 -10.76
C LEU B 79 -8.09 56.77 -11.48
N GLU B 80 -7.60 57.10 -12.68
CA GLU B 80 -6.81 56.14 -13.44
C GLU B 80 -5.52 55.78 -12.70
N ARG B 81 -4.88 56.77 -12.06
CA ARG B 81 -3.71 56.44 -11.27
C ARG B 81 -4.11 55.63 -10.04
N ALA B 82 -5.25 55.94 -9.43
CA ALA B 82 -5.67 55.25 -8.22
C ALA B 82 -5.94 53.77 -8.51
N VAL B 83 -6.65 53.48 -9.62
CA VAL B 83 -6.88 52.10 -9.98
C VAL B 83 -5.57 51.39 -10.30
N GLY B 84 -4.61 52.10 -10.92
CA GLY B 84 -3.31 51.48 -11.11
C GLY B 84 -2.61 51.15 -9.80
N LYS B 85 -2.73 52.05 -8.83
CA LYS B 85 -2.14 51.80 -7.52
C LYS B 85 -2.78 50.60 -6.86
N ALA B 86 -4.11 50.46 -7.00
CA ALA B 86 -4.74 49.25 -6.50
C ALA B 86 -4.30 48.02 -7.31
N GLU B 87 -3.99 48.23 -8.60
CA GLU B 87 -3.54 47.14 -9.45
C GLU B 87 -2.20 46.59 -9.00
N ARG B 88 -1.44 47.39 -8.25
CA ARG B 88 -0.15 46.96 -7.72
C ARG B 88 -0.15 46.63 -6.24
N ALA B 89 -0.99 47.28 -5.44
CA ALA B 89 -1.12 46.91 -4.04
C ALA B 89 -1.55 45.46 -3.89
N LEU B 90 -2.38 44.97 -4.81
CA LEU B 90 -2.65 43.55 -4.97
C LEU B 90 -2.29 43.14 -6.40
N ASP B 91 -1.67 41.97 -6.53
CA ASP B 91 -1.25 41.48 -7.84
C ASP B 91 -2.50 41.04 -8.61
N ILE B 92 -3.16 42.02 -9.22
CA ILE B 92 -4.44 41.83 -9.87
C ILE B 92 -4.42 42.57 -11.21
N SER B 93 -5.11 41.99 -12.19
CA SER B 93 -5.52 42.71 -13.39
C SER B 93 -7.00 43.01 -13.26
N ILE B 94 -7.35 44.31 -13.31
CA ILE B 94 -8.68 44.75 -12.92
C ILE B 94 -9.54 44.92 -14.17
N LEU B 95 -9.15 45.83 -15.04
CA LEU B 95 -9.92 46.05 -16.25
C LEU B 95 -9.70 44.91 -17.24
N PRO B 96 -10.72 44.53 -18.01
CA PRO B 96 -10.54 43.46 -18.99
C PRO B 96 -9.50 43.85 -20.04
N ASP B 97 -8.65 42.89 -20.40
CA ASP B 97 -7.64 43.11 -21.42
C ASP B 97 -7.15 41.76 -21.91
N THR B 98 -6.68 41.74 -23.15
CA THR B 98 -6.18 40.51 -23.77
C THR B 98 -4.69 40.39 -23.54
N GLN B 99 -4.24 39.15 -23.31
CA GLN B 99 -2.84 38.86 -23.02
C GLN B 99 -2.33 37.83 -24.01
N HIS B 100 -1.17 38.11 -24.60
CA HIS B 100 -0.42 37.13 -25.38
C HIS B 100 0.79 36.74 -24.55
N GLU B 101 0.79 35.50 -24.05
CA GLU B 101 1.70 35.08 -22.99
C GLU B 101 2.45 33.83 -23.43
N MET B 102 3.77 33.89 -23.33
CA MET B 102 4.63 32.72 -23.49
C MET B 102 5.11 32.24 -22.14
N ARG B 103 5.26 30.93 -22.00
CA ARG B 103 5.68 30.32 -20.74
C ARG B 103 6.65 29.18 -21.02
N ASP B 104 7.48 28.89 -20.03
CA ASP B 104 8.53 27.91 -20.17
C ASP B 104 8.04 26.51 -19.80
N TYR B 105 8.83 25.51 -20.17
CA TYR B 105 8.54 24.12 -19.85
C TYR B 105 9.28 23.74 -18.57
N HIS B 106 8.52 23.46 -17.52
CA HIS B 106 9.03 22.90 -16.27
C HIS B 106 8.41 21.54 -16.08
N GLU B 107 9.26 20.52 -15.91
CA GLU B 107 8.79 19.14 -15.99
C GLU B 107 7.75 18.82 -14.92
N THR B 108 7.98 19.27 -13.70
CA THR B 108 7.12 18.85 -12.59
C THR B 108 5.68 19.33 -12.77
N GLU B 109 5.51 20.58 -13.18
CA GLU B 109 4.17 21.08 -13.42
C GLU B 109 3.61 20.54 -14.73
N PHE B 110 4.48 20.26 -15.70
CA PHE B 110 3.98 19.67 -16.93
C PHE B 110 3.36 18.31 -16.64
N ASN B 111 4.05 17.49 -15.84
CA ASN B 111 3.52 16.21 -15.44
C ASN B 111 2.32 16.34 -14.52
N SER B 112 2.17 17.49 -13.86
CA SER B 112 1.00 17.73 -13.00
C SER B 112 -0.14 18.31 -13.84
N TYR B 113 -0.57 17.54 -14.84
CA TYR B 113 -1.69 17.89 -15.70
C TYR B 113 -1.44 19.22 -16.43
N MET B 114 -0.17 19.50 -16.73
CA MET B 114 0.22 20.73 -17.42
C MET B 114 -0.29 21.95 -16.64
N PHE B 115 0.02 21.97 -15.35
CA PHE B 115 -0.38 23.09 -14.51
C PHE B 115 0.32 24.36 -14.98
N VAL B 116 -0.46 25.44 -15.07
CA VAL B 116 0.08 26.76 -15.42
C VAL B 116 -0.60 27.81 -14.55
N HIS B 117 0.20 28.71 -13.99
CA HIS B 117 -0.29 29.83 -13.22
C HIS B 117 -0.05 31.09 -14.04
N ALA B 118 -1.13 31.70 -14.52
CA ALA B 118 -1.00 32.89 -15.35
C ALA B 118 -0.40 34.04 -14.57
N TYR B 119 0.36 34.89 -15.27
CA TYR B 119 1.06 35.97 -14.61
C TYR B 119 0.12 37.04 -14.09
N ARG B 120 -1.07 37.17 -14.68
CA ARG B 120 -2.08 38.12 -14.23
C ARG B 120 -3.39 37.37 -14.04
N LYS B 121 -4.13 37.77 -13.02
CA LYS B 121 -5.38 37.14 -12.61
C LYS B 121 -6.40 38.21 -12.28
N PRO B 122 -7.70 37.90 -12.31
CA PRO B 122 -8.37 36.64 -12.69
C PRO B 122 -8.41 36.40 -14.19
N ILE B 123 -8.80 35.19 -14.59
CA ILE B 123 -8.93 34.82 -15.99
C ILE B 123 -10.41 34.75 -16.31
N LEU B 124 -10.87 35.60 -17.23
CA LEU B 124 -12.27 35.57 -17.66
C LEU B 124 -12.52 34.40 -18.60
N GLN B 125 -11.57 34.12 -19.49
CA GLN B 125 -11.70 33.04 -20.46
C GLN B 125 -10.36 32.85 -21.15
N VAL B 126 -10.16 31.66 -21.71
CA VAL B 126 -8.93 31.28 -22.39
C VAL B 126 -9.27 30.97 -23.84
N GLU B 127 -8.51 31.56 -24.76
CA GLU B 127 -8.79 31.47 -26.19
C GLU B 127 -7.88 30.50 -26.93
N ASN B 128 -6.62 30.40 -26.52
CA ASN B 128 -5.67 29.50 -27.17
C ASN B 128 -4.70 28.94 -26.15
N LEU B 129 -4.26 27.71 -26.40
CA LEU B 129 -3.28 27.04 -25.53
C LEU B 129 -2.54 26.04 -26.41
N GLN B 130 -1.31 26.39 -26.80
CA GLN B 130 -0.58 25.65 -27.81
C GLN B 130 0.85 25.44 -27.37
N LEU B 131 1.48 24.42 -27.95
CA LEU B 131 2.88 24.08 -27.74
C LEU B 131 3.62 24.22 -29.06
N GLN B 132 4.71 24.98 -29.05
CA GLN B 132 5.47 25.27 -30.27
C GLN B 132 6.96 25.10 -30.01
N PHE B 133 7.68 24.79 -31.09
CA PHE B 133 9.12 24.52 -31.04
C PHE B 133 9.93 25.66 -31.65
N ASN B 134 9.54 26.15 -32.82
CA ASN B 134 10.23 27.23 -33.50
C ASN B 134 9.24 28.22 -34.11
N GLY B 135 8.09 28.41 -33.45
CA GLY B 135 7.00 29.18 -33.99
C GLY B 135 5.94 28.35 -34.68
N ARG B 136 6.27 27.14 -35.09
CA ARG B 136 5.31 26.21 -35.68
C ARG B 136 4.58 25.45 -34.58
N PRO B 137 3.23 25.46 -34.52
CA PRO B 137 2.57 24.70 -33.47
C PRO B 137 2.76 23.20 -33.61
N ILE B 138 3.54 22.61 -32.70
CA ILE B 138 3.75 21.16 -32.72
C ILE B 138 2.45 20.44 -32.38
N TYR B 139 1.72 20.93 -31.38
CA TYR B 139 0.51 20.29 -30.91
C TYR B 139 -0.42 21.35 -30.34
N LYS B 140 -1.64 21.39 -30.86
CA LYS B 140 -2.69 22.29 -30.36
C LYS B 140 -3.79 21.43 -29.77
N TYR B 141 -4.07 21.65 -28.50
CA TYR B 141 -4.93 20.74 -27.77
C TYR B 141 -6.41 20.97 -28.11
N PRO B 142 -7.25 19.94 -28.00
CA PRO B 142 -8.69 20.16 -28.15
C PRO B 142 -9.21 21.12 -27.10
N ALA B 143 -10.28 21.85 -27.46
CA ALA B 143 -10.83 22.86 -26.57
C ALA B 143 -11.38 22.24 -25.30
N ASN B 144 -12.07 21.10 -25.42
CA ASN B 144 -12.69 20.49 -24.25
C ASN B 144 -11.67 20.00 -23.24
N TRP B 145 -10.44 19.71 -23.66
CA TRP B 145 -9.46 19.16 -22.74
C TRP B 145 -9.11 20.15 -21.64
N TRP B 146 -8.73 21.37 -22.01
CA TRP B 146 -8.18 22.30 -21.04
C TRP B 146 -9.28 22.90 -20.17
N LYS B 147 -8.94 23.12 -18.90
CA LYS B 147 -9.88 23.63 -17.91
C LYS B 147 -9.17 24.69 -17.09
N VAL B 148 -9.95 25.60 -16.51
CA VAL B 148 -9.43 26.78 -15.84
C VAL B 148 -10.03 26.92 -14.46
N GLU B 149 -9.33 27.67 -13.62
CA GLU B 149 -9.84 28.16 -12.33
C GLU B 149 -9.73 29.68 -12.36
N HIS B 150 -10.88 30.35 -12.35
CA HIS B 150 -10.94 31.74 -12.78
C HIS B 150 -10.17 32.67 -11.84
N LEU B 151 -10.42 32.58 -10.54
CA LEU B 151 -9.91 33.59 -9.62
C LEU B 151 -8.39 33.51 -9.50
N ALA B 152 -7.86 32.31 -9.27
CA ALA B 152 -6.41 32.15 -9.11
C ALA B 152 -5.68 32.19 -10.44
N GLY B 153 -6.38 32.01 -11.55
CA GLY B 153 -5.75 32.02 -12.85
C GLY B 153 -5.11 30.72 -13.27
N HIS B 154 -5.36 29.63 -12.55
CA HIS B 154 -4.77 28.35 -12.90
C HIS B 154 -5.38 27.82 -14.20
N VAL B 155 -4.52 27.26 -15.05
CA VAL B 155 -4.93 26.57 -16.27
C VAL B 155 -4.40 25.14 -16.17
N GLN B 156 -5.29 24.17 -16.35
CA GLN B 156 -4.94 22.76 -16.19
C GLN B 156 -5.58 21.96 -17.32
N LEU B 157 -4.90 20.90 -17.71
CA LEU B 157 -5.26 20.10 -18.89
C LEU B 157 -5.61 18.69 -18.46
N PHE B 158 -6.75 18.19 -18.96
CA PHE B 158 -7.29 16.88 -18.59
C PHE B 158 -7.55 16.10 -19.88
N PRO B 159 -6.55 15.41 -20.41
CA PRO B 159 -6.74 14.71 -21.69
C PRO B 159 -7.80 13.63 -21.62
N THR B 160 -8.46 13.40 -22.75
CA THR B 160 -9.50 12.39 -22.86
C THR B 160 -9.35 11.71 -24.23
N ALA B 161 -10.36 10.95 -24.62
CA ALA B 161 -10.36 10.30 -25.92
C ALA B 161 -10.90 11.23 -27.00
N ALA B 190 17.50 18.26 -20.78
CA ALA B 190 17.47 18.94 -19.49
C ALA B 190 16.07 18.88 -18.88
N THR B 191 15.96 19.32 -17.62
CA THR B 191 14.69 19.25 -16.91
C THR B 191 13.77 20.42 -17.22
N PHE B 192 14.21 21.40 -17.99
CA PHE B 192 13.36 22.54 -18.34
C PHE B 192 13.79 23.08 -19.69
N ALA B 193 12.87 23.80 -20.33
CA ALA B 193 13.13 24.46 -21.61
C ALA B 193 12.38 25.78 -21.64
N PRO B 194 12.86 26.75 -22.41
CA PRO B 194 12.26 28.10 -22.37
C PRO B 194 11.19 28.33 -23.44
N GLN B 195 10.13 29.02 -23.02
CA GLN B 195 9.10 29.53 -23.92
C GLN B 195 8.58 28.45 -24.87
N MET B 196 8.36 27.26 -24.33
CA MET B 196 7.92 26.13 -25.15
C MET B 196 6.46 26.28 -25.55
N ILE B 197 5.62 26.76 -24.65
CA ILE B 197 4.18 26.80 -24.85
C ILE B 197 3.73 28.25 -25.02
N ARG B 198 2.53 28.40 -25.56
CA ARG B 198 1.93 29.70 -25.86
C ARG B 198 0.52 29.72 -25.31
N LEU B 199 0.17 30.79 -24.61
CA LEU B 199 -1.11 30.93 -23.95
C LEU B 199 -1.71 32.29 -24.25
N GLU B 200 -2.99 32.30 -24.62
CA GLU B 200 -3.74 33.53 -24.84
C GLU B 200 -5.00 33.48 -23.98
N TYR B 201 -5.32 34.61 -23.35
CA TYR B 201 -6.49 34.67 -22.48
C TYR B 201 -6.81 36.15 -22.21
N VAL B 202 -7.90 36.36 -21.48
CA VAL B 202 -8.39 37.70 -21.15
C VAL B 202 -8.34 37.84 -19.63
N SER B 203 -7.71 38.91 -19.17
CA SER B 203 -7.50 39.15 -17.74
C SER B 203 -8.28 40.39 -17.31
N GLY B 204 -9.05 40.25 -16.25
CA GLY B 204 -9.79 41.36 -15.69
C GLY B 204 -11.01 40.87 -14.92
N MET B 205 -11.84 41.83 -14.53
CA MET B 205 -13.06 41.57 -13.79
C MET B 205 -14.22 42.27 -14.48
N LEU B 206 -15.38 41.60 -14.54
CA LEU B 206 -16.56 42.18 -15.14
C LEU B 206 -17.28 43.05 -14.12
N PRO B 207 -18.08 44.03 -14.59
CA PRO B 207 -18.91 44.79 -13.65
C PRO B 207 -19.95 43.91 -12.98
N ARG B 208 -20.22 44.21 -11.72
CA ARG B 208 -21.15 43.37 -10.95
C ARG B 208 -22.58 43.59 -11.43
N LYS B 209 -23.30 42.49 -11.64
CA LYS B 209 -24.59 42.52 -12.30
C LYS B 209 -25.75 42.67 -11.32
N LYS B 210 -25.63 42.07 -10.12
CA LYS B 210 -26.70 42.06 -9.14
C LYS B 210 -26.21 42.68 -7.83
N ALA B 211 -27.16 43.20 -7.07
CA ALA B 211 -26.82 43.99 -5.89
C ALA B 211 -26.17 43.13 -4.81
N GLY B 212 -25.11 43.66 -4.21
CA GLY B 212 -24.49 43.02 -3.07
C GLY B 212 -23.95 41.63 -3.33
N ARG B 213 -23.66 41.30 -4.60
CA ARG B 213 -23.17 39.99 -4.96
C ARG B 213 -22.09 40.15 -6.02
N ASN B 214 -21.27 39.11 -6.17
CA ASN B 214 -20.27 39.08 -7.23
C ASN B 214 -19.75 37.66 -7.39
N LYS B 215 -19.67 37.20 -8.63
CA LYS B 215 -19.06 35.91 -8.93
C LYS B 215 -17.54 36.04 -8.86
N PRO B 216 -16.82 34.92 -8.75
CA PRO B 216 -15.35 35.00 -8.70
C PRO B 216 -14.75 35.71 -9.91
N TRP B 217 -15.36 35.58 -11.09
CA TRP B 217 -14.93 36.32 -12.27
C TRP B 217 -15.48 37.73 -12.33
N GLU B 218 -16.01 38.27 -11.23
CA GLU B 218 -16.75 39.51 -11.23
C GLU B 218 -16.18 40.46 -10.17
N MET B 219 -16.25 41.76 -10.45
CA MET B 219 -15.64 42.75 -9.58
C MET B 219 -16.31 42.79 -8.21
N PRO B 220 -15.55 42.69 -7.11
CA PRO B 220 -16.16 42.93 -5.79
C PRO B 220 -16.35 44.41 -5.55
N PRO B 221 -17.35 44.80 -4.73
CA PRO B 221 -17.54 46.24 -4.45
C PRO B 221 -16.34 46.86 -3.75
N GLU B 222 -15.60 46.05 -2.99
CA GLU B 222 -14.53 46.57 -2.16
C GLU B 222 -13.45 47.23 -3.00
N LEU B 223 -13.12 46.62 -4.14
CA LEU B 223 -12.10 47.22 -5.00
C LEU B 223 -12.54 48.60 -5.46
N GLU B 224 -13.84 48.77 -5.74
CA GLU B 224 -14.36 50.06 -6.15
C GLU B 224 -14.22 51.09 -5.04
N GLN B 225 -14.52 50.69 -3.80
CA GLN B 225 -14.41 51.65 -2.72
C GLN B 225 -12.95 51.95 -2.40
N LEU B 226 -12.10 50.93 -2.50
CA LEU B 226 -10.68 51.12 -2.24
C LEU B 226 -10.08 52.12 -3.22
N VAL B 227 -10.42 51.97 -4.50
CA VAL B 227 -9.90 52.88 -5.52
C VAL B 227 -10.40 54.29 -5.28
N ILE B 228 -11.68 54.42 -4.89
CA ILE B 228 -12.21 55.75 -4.59
C ILE B 228 -11.45 56.36 -3.42
N LYS B 229 -11.16 55.56 -2.38
CA LYS B 229 -10.43 56.07 -1.23
C LYS B 229 -9.01 56.51 -1.61
N TYR B 230 -8.37 55.76 -2.51
CA TYR B 230 -7.06 56.17 -3.00
C TYR B 230 -7.15 57.50 -3.74
N ALA B 231 -8.21 57.69 -4.53
CA ALA B 231 -8.37 58.96 -5.22
C ALA B 231 -8.60 60.09 -4.22
N LEU B 232 -9.38 59.82 -3.18
CA LEU B 232 -9.67 60.83 -2.18
C LEU B 232 -8.41 61.23 -1.41
N LYS B 233 -7.45 60.33 -1.28
CA LYS B 233 -6.19 60.71 -0.63
C LYS B 233 -5.49 61.82 -1.39
N GLU B 234 -5.50 61.74 -2.73
CA GLU B 234 -4.87 62.77 -3.53
C GLU B 234 -5.71 64.03 -3.52
N ILE B 235 -7.03 63.87 -3.60
CA ILE B 235 -7.88 65.06 -3.66
C ILE B 235 -7.73 65.84 -2.36
N TYR B 236 -7.78 65.15 -1.22
CA TYR B 236 -7.64 65.83 0.06
C TYR B 236 -6.26 66.47 0.19
N GLN B 237 -5.23 65.85 -0.40
CA GLN B 237 -3.91 66.48 -0.40
C GLN B 237 -3.94 67.79 -1.17
N VAL B 238 -4.69 67.84 -2.26
CA VAL B 238 -4.81 69.08 -3.02
C VAL B 238 -5.63 70.11 -2.25
N TRP B 239 -6.74 69.68 -1.65
CA TRP B 239 -7.68 70.61 -1.03
C TRP B 239 -7.14 71.20 0.27
N GLY B 240 -6.29 70.45 1.00
CA GLY B 240 -5.82 70.94 2.28
C GLY B 240 -5.00 72.22 2.21
N ASN B 241 -4.44 72.54 1.05
CA ASN B 241 -3.62 73.74 0.90
C ASN B 241 -4.44 75.00 0.66
N LEU B 242 -5.75 74.89 0.46
CA LEU B 242 -6.59 76.00 0.03
C LEU B 242 -7.57 76.45 1.11
N ILE B 243 -7.32 76.12 2.37
CA ILE B 243 -8.24 76.50 3.44
C ILE B 243 -8.23 78.02 3.64
N ILE B 244 -7.06 78.56 3.99
CA ILE B 244 -6.88 80.00 4.16
C ILE B 244 -5.53 80.38 3.57
N GLY B 245 -5.54 81.24 2.56
CA GLY B 245 -4.30 81.79 2.03
C GLY B 245 -3.34 80.72 1.58
N ALA B 246 -2.10 80.81 2.08
CA ALA B 246 -1.07 79.83 1.76
C ALA B 246 -0.07 79.79 2.90
N GLY B 247 0.01 78.65 3.59
CA GLY B 247 0.93 78.50 4.69
C GLY B 247 0.53 79.26 5.94
N ILE B 248 -0.76 79.57 6.09
CA ILE B 248 -1.26 80.35 7.22
C ILE B 248 -1.88 79.40 8.23
N ALA B 249 -1.49 79.53 9.49
CA ALA B 249 -2.02 78.73 10.58
C ALA B 249 -3.06 79.49 11.40
N ASN B 250 -2.72 80.68 11.88
CA ASN B 250 -3.59 81.50 12.71
C ASN B 250 -3.73 82.88 12.11
N LYS B 251 -4.87 83.52 12.37
CA LYS B 251 -5.13 84.87 11.93
C LYS B 251 -6.01 85.57 12.94
N THR B 252 -5.86 86.90 13.04
CA THR B 252 -6.81 87.72 13.76
C THR B 252 -6.63 89.18 13.36
N LEU B 253 -7.73 89.86 13.09
CA LEU B 253 -7.75 91.26 12.74
C LEU B 253 -8.43 92.05 13.84
N GLU B 254 -8.09 93.34 13.93
CA GLU B 254 -8.72 94.24 14.90
C GLU B 254 -8.59 95.66 14.35
N VAL B 255 -9.67 96.16 13.77
CA VAL B 255 -9.68 97.46 13.08
C VAL B 255 -10.86 98.28 13.59
N ASP B 256 -10.56 99.35 14.32
CA ASP B 256 -11.55 100.37 14.70
C ASP B 256 -12.75 99.74 15.40
N GLY B 257 -12.48 98.78 16.28
CA GLY B 257 -13.51 98.13 17.06
C GLY B 257 -14.03 96.83 16.48
N ILE B 258 -13.73 96.54 15.22
CA ILE B 258 -14.15 95.31 14.56
C ILE B 258 -12.99 94.32 14.65
N THR B 259 -13.25 93.18 15.27
CA THR B 259 -12.22 92.20 15.59
C THR B 259 -12.68 90.81 15.17
N GLU B 260 -11.75 90.01 14.67
CA GLU B 260 -12.02 88.64 14.26
C GLU B 260 -10.78 87.81 14.50
N THR B 261 -10.99 86.50 14.64
CA THR B 261 -9.89 85.56 14.87
C THR B 261 -10.30 84.19 14.36
N ILE B 262 -9.37 83.51 13.69
CA ILE B 262 -9.57 82.16 13.19
C ILE B 262 -8.30 81.37 13.45
N GLY B 263 -8.47 80.11 13.84
CA GLY B 263 -7.37 79.16 13.94
C GLY B 263 -7.64 77.94 13.07
N THR B 264 -6.79 77.69 12.08
CA THR B 264 -7.02 76.62 11.14
C THR B 264 -6.47 75.30 11.67
N THR B 265 -6.81 74.22 10.95
CA THR B 265 -6.23 72.92 11.21
C THR B 265 -4.73 72.88 10.90
N GLN B 266 -4.25 73.82 10.09
CA GLN B 266 -2.84 73.81 9.70
C GLN B 266 -1.94 74.01 10.92
N SER B 267 -0.78 73.35 10.89
CA SER B 267 0.18 73.44 11.96
C SER B 267 1.57 73.18 11.39
N ALA B 268 2.58 73.56 12.17
CA ALA B 268 3.96 73.36 11.73
C ALA B 268 4.34 71.89 11.62
N MET B 269 3.56 70.99 12.24
CA MET B 269 3.86 69.56 12.25
C MET B 269 2.84 68.71 11.49
N TYR B 270 1.66 69.23 11.21
CA TYR B 270 0.64 68.50 10.47
C TYR B 270 -0.02 69.41 9.45
N GLY B 271 -0.52 68.81 8.38
CA GLY B 271 -1.20 69.56 7.35
C GLY B 271 -2.65 69.87 7.70
N GLY B 272 -3.27 70.68 6.85
CA GLY B 272 -4.65 71.07 7.10
C GLY B 272 -5.62 69.91 6.98
N ALA B 273 -5.38 69.01 6.02
CA ALA B 273 -6.24 67.86 5.77
C ALA B 273 -5.64 66.56 6.29
N SER B 274 -4.66 66.63 7.18
CA SER B 274 -4.02 65.41 7.66
C SER B 274 -4.99 64.52 8.41
N ALA B 275 -6.05 65.09 9.02
CA ALA B 275 -7.01 64.27 9.74
C ALA B 275 -7.74 63.32 8.81
N GLN B 276 -8.22 63.84 7.67
CA GLN B 276 -8.91 62.99 6.71
C GLN B 276 -7.97 61.94 6.13
N ILE B 277 -6.73 62.32 5.83
CA ILE B 277 -5.78 61.35 5.29
C ILE B 277 -5.52 60.25 6.30
N LEU B 278 -5.36 60.61 7.57
CA LEU B 278 -5.16 59.61 8.62
C LEU B 278 -6.35 58.65 8.69
N GLN B 279 -7.56 59.19 8.63
CA GLN B 279 -8.74 58.34 8.68
C GLN B 279 -8.81 57.43 7.45
N ILE B 280 -8.45 57.97 6.29
CA ILE B 280 -8.46 57.18 5.05
C ILE B 280 -7.46 56.04 5.16
N ASN B 281 -6.26 56.34 5.67
CA ASN B 281 -5.26 55.29 5.84
C ASN B 281 -5.74 54.23 6.83
N GLU B 282 -6.40 54.65 7.90
CA GLU B 282 -6.93 53.69 8.86
C GLU B 282 -7.96 52.78 8.21
N ASP B 283 -8.86 53.36 7.40
CA ASP B 283 -9.86 52.56 6.71
C ASP B 283 -9.20 51.61 5.72
N ILE B 284 -8.21 52.10 4.97
CA ILE B 284 -7.59 51.31 3.92
C ILE B 284 -6.83 50.14 4.52
N LYS B 285 -6.13 50.34 5.65
CA LYS B 285 -5.34 49.27 6.21
C LYS B 285 -6.20 48.09 6.68
N GLU B 286 -7.50 48.32 6.89
CA GLU B 286 -8.45 47.24 7.17
C GLU B 286 -9.09 46.69 5.90
N LEU B 287 -9.49 47.57 4.99
CA LEU B 287 -10.11 47.12 3.74
C LEU B 287 -9.15 46.30 2.90
N LEU B 288 -7.89 46.74 2.79
CA LEU B 288 -6.91 46.07 1.96
C LEU B 288 -6.58 44.70 2.54
N ASP B 289 -6.30 44.65 3.85
CA ASP B 289 -5.96 43.37 4.46
C ASP B 289 -7.14 42.41 4.38
N GLY B 290 -8.37 42.92 4.53
CA GLY B 290 -9.53 42.07 4.38
C GLY B 290 -9.65 41.52 2.97
N LEU B 291 -9.30 42.34 1.98
CA LEU B 291 -9.41 41.91 0.59
C LEU B 291 -8.33 40.91 0.22
N ARG B 292 -7.15 41.04 0.83
CA ARG B 292 -6.06 40.11 0.52
C ARG B 292 -6.41 38.68 0.89
N ALA B 293 -7.26 38.50 1.90
CA ALA B 293 -7.70 37.16 2.26
C ALA B 293 -8.54 36.50 1.17
N TYR B 294 -9.17 37.31 0.31
CA TYR B 294 -10.00 36.76 -0.75
C TYR B 294 -9.16 36.16 -1.88
N PHE B 295 -7.94 36.66 -2.07
CA PHE B 295 -7.05 36.18 -3.12
C PHE B 295 -5.97 35.24 -2.62
N GLY B 296 -5.44 35.49 -1.42
CA GLY B 296 -4.49 34.59 -0.80
C GLY B 296 -3.04 34.93 -1.13
N TYR B 297 -2.15 34.24 -0.43
CA TYR B 297 -0.72 34.45 -0.62
C TYR B 297 -0.23 33.71 -1.86
N ASN B 298 0.94 34.11 -2.32
CA ASN B 298 1.53 33.59 -3.55
C ASN B 298 2.59 32.55 -3.24
N MET B 299 2.73 31.58 -4.13
CA MET B 299 3.73 30.53 -4.01
C MET B 299 4.32 30.26 -5.39
N ILE B 300 5.58 29.83 -5.40
CA ILE B 300 6.19 29.25 -6.59
C ILE B 300 7.08 28.09 -6.15
N GLY B 301 7.02 27.00 -6.90
CA GLY B 301 7.93 25.89 -6.63
C GLY B 301 9.33 26.21 -7.11
N LEU B 302 10.32 25.65 -6.41
CA LEU B 302 11.71 25.96 -6.69
C LEU B 302 12.60 24.73 -6.60
#